data_8BP6
#
_entry.id   8BP6
#
_cell.length_a   50.352
_cell.length_b   143.534
_cell.length_c   77.029
_cell.angle_alpha   90.00
_cell.angle_beta   101.82
_cell.angle_gamma   90.00
#
_symmetry.space_group_name_H-M   'P 1 21 1'
#
loop_
_entity.id
_entity.type
_entity.pdbx_description
1 polymer 'Beta-2-microglobulin,Major histocompatibility complex class I-related gene protein'
2 non-polymer (1R,5S)-8-(9H-purin-6-yl)-2-oxa-8-azabicyclo[3.3.1]nona-3,6-diene-4,6-dicarbaldehyde
3 water water
#
_entity_poly.entity_id   1
_entity_poly.type   'polypeptide(L)'
_entity_poly.pdbx_seq_one_letter_code
;IQRTPKIQVYSRHPAENGKSNFLNCYVSGFHPSDIEVDLLKNGERIEKVEHSDLSFSKDWSFYLLYYTEFTPTEKDEYAC
RVNHVTLSQPKIVKWDRDMGGGGSGGGGSGGGGSERTHSLRYFRLGVSDPIHGVPEFISVGYVDSHPITTYDSVTRQKEP
RAPWMAENLAPDHWERYTQLLRGWQQMFKVELKRLQRHYNHSGSHTYQRMIGCELLEDGSTTGFLQYAYDGQDFLIFNKD
TLSWLAVDNVAHTIKQAWEANQHELLYQKNWLEEECIAWLKRFLEYGKDTLQRTEPPLVRVNRKETFPGVTALFCKAHGF
YPPEIYMTWMKNGEEIVQEIDYGDILPSGDGTYQAWASIELDPQSSNLYSCHVEHCGVHMVLQV
;
_entity_poly.pdbx_strand_id   A,B
#
# COMPACT_ATOMS: atom_id res chain seq x y z
N ILE A 1 28.26 -22.84 -21.67
CA ILE A 1 27.22 -22.00 -22.33
C ILE A 1 26.94 -20.81 -21.43
N GLN A 2 27.18 -19.61 -21.94
CA GLN A 2 26.92 -18.40 -21.19
C GLN A 2 25.47 -17.97 -21.39
N ARG A 3 24.93 -17.28 -20.39
CA ARG A 3 23.57 -16.79 -20.43
C ARG A 3 23.61 -15.33 -20.00
N THR A 4 22.91 -14.49 -20.72
CA THR A 4 23.02 -13.09 -20.40
C THR A 4 21.97 -12.68 -19.38
N PRO A 5 22.29 -11.76 -18.47
CA PRO A 5 21.36 -11.44 -17.39
C PRO A 5 20.10 -10.76 -17.89
N LYS A 6 18.98 -11.16 -17.31
CA LYS A 6 17.71 -10.47 -17.48
C LYS A 6 17.67 -9.33 -16.47
N ILE A 7 17.53 -8.10 -16.97
CA ILE A 7 17.62 -6.89 -16.15
C ILE A 7 16.25 -6.22 -16.13
N GLN A 8 15.67 -6.13 -14.94
CA GLN A 8 14.35 -5.55 -14.76
C GLN A 8 14.43 -4.48 -13.68
N VAL A 9 14.03 -3.25 -14.03
CA VAL A 9 14.13 -2.11 -13.13
C VAL A 9 12.72 -1.63 -12.81
N TYR A 10 12.41 -1.52 -11.52
CA TYR A 10 11.06 -1.24 -11.06
C TYR A 10 11.15 -0.79 -9.61
N SER A 11 10.05 -0.25 -9.11
CA SER A 11 10.00 0.26 -7.75
C SER A 11 9.23 -0.70 -6.85
N ARG A 12 9.59 -0.68 -5.56
CA ARG A 12 8.99 -1.58 -4.59
C ARG A 12 7.48 -1.38 -4.47
N HIS A 13 7.05 -0.12 -4.33
CA HIS A 13 5.65 0.24 -4.29
C HIS A 13 5.29 1.07 -5.53
N PRO A 14 4.02 1.10 -5.90
CA PRO A 14 3.62 1.95 -7.05
C PRO A 14 4.13 3.36 -6.87
N ALA A 15 4.86 3.84 -7.87
CA ALA A 15 5.61 5.09 -7.74
C ALA A 15 4.68 6.30 -7.89
N GLU A 16 4.78 7.22 -6.94
CA GLU A 16 4.13 8.53 -7.01
C GLU A 16 5.17 9.59 -6.68
N ASN A 17 5.27 10.62 -7.52
CA ASN A 17 6.26 11.66 -7.33
C ASN A 17 6.15 12.29 -5.95
N GLY A 18 7.30 12.46 -5.30
CA GLY A 18 7.36 13.08 -3.99
C GLY A 18 7.16 12.14 -2.81
N LYS A 19 7.04 10.84 -3.05
CA LYS A 19 6.84 9.85 -2.00
C LYS A 19 7.97 8.83 -2.03
N SER A 20 8.62 8.64 -0.88
CA SER A 20 9.78 7.76 -0.81
C SER A 20 9.40 6.36 -1.28
N ASN A 21 10.38 5.69 -1.90
CA ASN A 21 10.18 4.38 -2.49
C ASN A 21 11.54 3.70 -2.58
N PHE A 22 11.54 2.46 -3.04
CA PHE A 22 12.77 1.71 -3.26
C PHE A 22 12.86 1.33 -4.73
N LEU A 23 14.03 1.58 -5.32
CA LEU A 23 14.29 1.23 -6.71
C LEU A 23 14.93 -0.14 -6.78
N ASN A 24 14.39 -1.00 -7.62
CA ASN A 24 14.87 -2.37 -7.74
C ASN A 24 15.48 -2.60 -9.12
N CYS A 25 16.53 -3.42 -9.15
CA CYS A 25 17.13 -3.92 -10.38
C CYS A 25 17.26 -5.42 -10.19
N TYR A 26 16.28 -6.18 -10.68
CA TYR A 26 16.28 -7.63 -10.53
C TYR A 26 17.11 -8.21 -11.67
N VAL A 27 18.25 -8.81 -11.33
CA VAL A 27 19.21 -9.33 -12.29
C VAL A 27 19.20 -10.85 -12.15
N SER A 28 18.69 -11.54 -13.17
CA SER A 28 18.42 -12.96 -13.08
C SER A 28 18.83 -13.68 -14.36
N GLY A 29 18.88 -15.01 -14.28
CA GLY A 29 19.04 -15.85 -15.45
C GLY A 29 20.41 -15.86 -16.07
N PHE A 30 21.42 -15.34 -15.38
CA PHE A 30 22.73 -15.18 -15.96
C PHE A 30 23.70 -16.27 -15.52
N HIS A 31 24.62 -16.61 -16.40
CA HIS A 31 25.69 -17.55 -16.16
C HIS A 31 26.87 -17.12 -17.01
N PRO A 32 28.10 -17.08 -16.45
CA PRO A 32 28.49 -17.42 -15.08
C PRO A 32 28.10 -16.35 -14.05
N SER A 33 28.61 -16.52 -12.83
CA SER A 33 28.14 -15.71 -11.70
C SER A 33 28.70 -14.29 -11.70
N ASP A 34 29.91 -14.09 -12.23
CA ASP A 34 30.57 -12.80 -12.13
C ASP A 34 29.76 -11.71 -12.83
N ILE A 35 29.37 -10.68 -12.07
CA ILE A 35 28.62 -9.55 -12.58
C ILE A 35 28.97 -8.31 -11.78
N GLU A 36 28.72 -7.15 -12.38
CA GLU A 36 28.85 -5.86 -11.72
C GLU A 36 27.58 -5.09 -12.03
N VAL A 37 26.88 -4.63 -10.98
CA VAL A 37 25.61 -3.94 -11.13
C VAL A 37 25.68 -2.60 -10.44
N ASP A 38 25.26 -1.55 -11.14
CA ASP A 38 25.20 -0.21 -10.61
C ASP A 38 23.82 0.37 -10.85
N LEU A 39 23.37 1.19 -9.92
CA LEU A 39 22.17 1.99 -10.09
C LEU A 39 22.59 3.42 -10.38
N LEU A 40 21.95 4.05 -11.35
CA LEU A 40 22.36 5.37 -11.82
C LEU A 40 21.23 6.36 -11.59
N LYS A 41 21.57 7.49 -10.99
CA LYS A 41 20.67 8.63 -10.87
C LYS A 41 21.11 9.67 -11.88
N ASN A 42 20.30 9.87 -12.93
CA ASN A 42 20.63 10.80 -14.00
C ASN A 42 22.04 10.52 -14.54
N GLY A 43 22.31 9.23 -14.78
CA GLY A 43 23.56 8.82 -15.37
C GLY A 43 24.73 8.66 -14.42
N GLU A 44 24.55 8.97 -13.14
CA GLU A 44 25.64 8.93 -12.16
C GLU A 44 25.45 7.81 -11.16
N ARG A 45 26.52 7.08 -10.87
CA ARG A 45 26.46 5.97 -9.93
C ARG A 45 26.00 6.44 -8.56
N ILE A 46 25.24 5.57 -7.88
CA ILE A 46 24.67 5.86 -6.56
C ILE A 46 25.55 5.21 -5.50
N GLU A 47 25.91 5.99 -4.47
CA GLU A 47 26.89 5.50 -3.50
C GLU A 47 26.31 4.41 -2.61
N LYS A 48 25.10 4.61 -2.09
CA LYS A 48 24.47 3.67 -1.16
C LYS A 48 23.54 2.75 -1.95
N VAL A 49 23.99 1.53 -2.20
CA VAL A 49 23.21 0.55 -2.95
C VAL A 49 23.22 -0.76 -2.18
N GLU A 50 22.03 -1.26 -1.84
CA GLU A 50 21.87 -2.54 -1.18
C GLU A 50 21.64 -3.63 -2.22
N HIS A 51 21.97 -4.85 -1.86
CA HIS A 51 21.77 -5.97 -2.78
C HIS A 51 21.65 -7.26 -1.99
N SER A 52 20.69 -8.10 -2.37
CA SER A 52 20.62 -9.40 -1.74
C SER A 52 21.92 -10.15 -1.99
N ASP A 53 22.15 -11.19 -1.21
CA ASP A 53 23.32 -12.02 -1.48
C ASP A 53 23.05 -12.91 -2.69
N LEU A 54 24.15 -13.33 -3.32
CA LEU A 54 24.06 -14.16 -4.52
C LEU A 54 23.19 -15.39 -4.29
N SER A 55 22.22 -15.58 -5.17
CA SER A 55 21.23 -16.61 -5.06
C SER A 55 21.31 -17.54 -6.27
N PHE A 56 20.71 -18.71 -6.14
CA PHE A 56 20.86 -19.75 -7.16
C PHE A 56 19.53 -20.38 -7.55
N SER A 57 19.35 -20.57 -8.86
CA SER A 57 18.13 -21.14 -9.41
C SER A 57 18.31 -22.60 -9.80
N LYS A 58 17.18 -23.30 -9.92
CA LYS A 58 17.17 -24.72 -10.21
C LYS A 58 17.64 -25.04 -11.63
N ASP A 59 17.57 -24.08 -12.55
CA ASP A 59 18.14 -24.24 -13.88
C ASP A 59 19.61 -23.87 -13.93
N TRP A 60 20.23 -23.68 -12.77
CA TRP A 60 21.66 -23.39 -12.58
C TRP A 60 21.97 -21.94 -12.93
N SER A 61 20.97 -21.13 -13.27
CA SER A 61 21.15 -19.70 -13.49
C SER A 61 21.19 -18.96 -12.16
N PHE A 62 21.94 -17.86 -12.13
CA PHE A 62 22.09 -17.04 -10.94
C PHE A 62 21.10 -15.87 -10.96
N TYR A 63 20.70 -15.43 -9.76
CA TYR A 63 19.80 -14.27 -9.64
C TYR A 63 20.13 -13.45 -8.40
N LEU A 64 19.78 -12.15 -8.48
CA LEU A 64 20.13 -11.17 -7.47
C LEU A 64 19.12 -10.04 -7.53
N LEU A 65 19.11 -9.23 -6.47
CA LEU A 65 18.30 -8.02 -6.42
C LEU A 65 19.15 -6.88 -5.89
N TYR A 66 19.14 -5.75 -6.59
CA TYR A 66 19.79 -4.53 -6.14
C TYR A 66 18.72 -3.49 -5.85
N TYR A 67 18.83 -2.84 -4.69
CA TYR A 67 17.82 -1.87 -4.27
C TYR A 67 18.48 -0.68 -3.60
N THR A 68 17.78 0.45 -3.66
CA THR A 68 18.21 1.68 -3.01
C THR A 68 16.98 2.52 -2.66
N GLU A 69 17.08 3.26 -1.56
CA GLU A 69 15.99 4.14 -1.14
C GLU A 69 16.05 5.45 -1.93
N PHE A 70 14.90 5.85 -2.49
CA PHE A 70 14.87 7.03 -3.34
C PHE A 70 13.45 7.59 -3.37
N THR A 71 13.33 8.84 -3.83
CA THR A 71 12.05 9.48 -4.04
C THR A 71 11.93 9.90 -5.50
N PRO A 72 10.87 9.49 -6.21
CA PRO A 72 10.80 9.74 -7.65
C PRO A 72 10.57 11.20 -8.00
N THR A 73 11.42 11.74 -8.86
CA THR A 73 11.29 13.10 -9.37
C THR A 73 10.97 13.04 -10.86
N GLU A 74 9.92 13.74 -11.28
CA GLU A 74 9.51 13.72 -12.68
C GLU A 74 10.70 14.00 -13.60
N LYS A 75 11.66 14.81 -13.13
CA LYS A 75 12.86 15.15 -13.91
C LYS A 75 13.95 14.09 -13.74
N ASP A 76 14.12 13.55 -12.54
CA ASP A 76 15.16 12.54 -12.31
C ASP A 76 15.00 11.36 -13.25
N GLU A 77 16.13 10.85 -13.73
CA GLU A 77 16.16 9.72 -14.65
C GLU A 77 17.00 8.63 -13.99
N TYR A 78 16.36 7.56 -13.55
CA TYR A 78 17.06 6.46 -12.87
C TYR A 78 17.20 5.27 -13.81
N ALA A 79 18.36 4.62 -13.76
CA ALA A 79 18.62 3.46 -14.60
C ALA A 79 19.57 2.51 -13.87
N CYS A 80 19.81 1.35 -14.48
CA CYS A 80 20.62 0.29 -13.90
C CYS A 80 21.66 -0.15 -14.93
N ARG A 81 22.92 -0.20 -14.52
CA ARG A 81 24.04 -0.50 -15.41
C ARG A 81 24.67 -1.81 -15.01
N VAL A 82 24.73 -2.76 -15.95
CA VAL A 82 25.16 -4.12 -15.69
C VAL A 82 26.36 -4.46 -16.57
N ASN A 83 27.38 -5.08 -15.96
CA ASN A 83 28.52 -5.63 -16.66
C ASN A 83 28.55 -7.15 -16.49
N HIS A 84 28.80 -7.86 -17.59
CA HIS A 84 28.78 -9.32 -17.61
C HIS A 84 29.71 -9.78 -18.71
N VAL A 85 30.04 -11.07 -18.68
CA VAL A 85 30.88 -11.64 -19.72
C VAL A 85 30.21 -11.51 -21.08
N THR A 86 28.90 -11.76 -21.12
CA THR A 86 28.13 -11.70 -22.36
C THR A 86 27.96 -10.29 -22.88
N LEU A 87 28.29 -9.27 -22.09
CA LEU A 87 28.13 -7.87 -22.50
C LEU A 87 29.51 -7.34 -22.86
N SER A 88 29.78 -7.22 -24.16
CA SER A 88 31.01 -6.59 -24.59
C SER A 88 31.15 -5.18 -24.03
N GLN A 89 30.04 -4.55 -23.68
CA GLN A 89 30.05 -3.23 -23.07
C GLN A 89 28.86 -3.12 -22.14
N PRO A 90 28.95 -2.33 -21.07
CA PRO A 90 27.88 -2.31 -20.06
C PRO A 90 26.51 -2.04 -20.68
N LYS A 91 25.49 -2.68 -20.12
CA LYS A 91 24.12 -2.54 -20.57
C LYS A 91 23.36 -1.68 -19.57
N ILE A 92 22.78 -0.59 -20.05
CA ILE A 92 22.05 0.35 -19.21
C ILE A 92 20.57 0.20 -19.53
N VAL A 93 19.77 -0.03 -18.50
CA VAL A 93 18.33 -0.21 -18.64
C VAL A 93 17.65 0.92 -17.88
N LYS A 94 16.95 1.79 -18.59
CA LYS A 94 16.20 2.84 -17.93
C LYS A 94 14.97 2.29 -17.23
N TRP A 95 14.57 2.97 -16.16
CA TRP A 95 13.35 2.67 -15.42
C TRP A 95 12.19 3.31 -16.15
N ASP A 96 11.41 2.51 -16.87
CA ASP A 96 10.31 3.04 -17.68
C ASP A 96 9.10 3.34 -16.82
N ARG A 97 8.44 4.46 -17.10
CA ARG A 97 7.13 4.74 -16.52
C ARG A 97 7.21 4.89 -15.00
N GLU A 115 0.80 -22.34 -1.99
CA GLU A 115 1.59 -22.10 -0.79
C GLU A 115 1.86 -23.35 0.00
N ARG A 116 0.92 -24.29 -0.10
CA ARG A 116 0.90 -25.44 0.79
C ARG A 116 2.12 -26.33 0.57
N THR A 117 2.71 -26.29 -0.62
CA THR A 117 3.89 -27.09 -0.93
C THR A 117 5.12 -26.31 -0.50
N HIS A 118 5.98 -26.96 0.29
CA HIS A 118 7.20 -26.36 0.80
C HIS A 118 8.41 -27.15 0.34
N SER A 119 9.57 -26.50 0.38
CA SER A 119 10.80 -27.11 -0.11
C SER A 119 11.98 -26.66 0.74
N LEU A 120 12.84 -27.61 1.06
CA LEU A 120 14.17 -27.35 1.57
C LEU A 120 15.16 -27.76 0.50
N ARG A 121 16.17 -26.91 0.26
CA ARG A 121 17.18 -27.26 -0.73
C ARG A 121 18.46 -26.51 -0.43
N TYR A 122 19.58 -27.16 -0.75
CA TYR A 122 20.93 -26.67 -0.49
C TYR A 122 21.74 -26.73 -1.78
N PHE A 123 22.45 -25.65 -2.07
CA PHE A 123 23.26 -25.50 -3.27
C PHE A 123 24.74 -25.40 -2.90
N ARG A 124 25.59 -25.94 -3.77
CA ARG A 124 27.05 -25.76 -3.68
C ARG A 124 27.56 -25.15 -4.98
N LEU A 125 28.36 -24.09 -4.87
CA LEU A 125 28.93 -23.41 -6.03
C LEU A 125 30.44 -23.42 -5.95
N GLY A 126 31.09 -23.82 -7.05
CA GLY A 126 32.53 -23.78 -7.15
C GLY A 126 33.03 -23.00 -8.36
N VAL A 127 33.99 -22.10 -8.14
CA VAL A 127 34.56 -21.29 -9.22
C VAL A 127 36.08 -21.43 -9.18
N SER A 128 36.66 -21.82 -10.32
CA SER A 128 38.11 -21.96 -10.48
C SER A 128 38.70 -20.68 -11.06
N ASP A 129 39.80 -20.22 -10.48
CA ASP A 129 40.44 -18.98 -10.92
C ASP A 129 39.39 -17.85 -10.97
N PRO A 130 38.76 -17.53 -9.84
CA PRO A 130 37.77 -16.43 -9.84
C PRO A 130 38.40 -15.07 -10.07
N ILE A 131 39.62 -14.85 -9.60
CA ILE A 131 40.35 -13.59 -9.80
C ILE A 131 39.43 -12.44 -9.42
N HIS A 132 38.79 -12.56 -8.26
CA HIS A 132 37.79 -11.61 -7.82
C HIS A 132 37.72 -11.66 -6.30
N GLY A 133 37.06 -10.66 -5.72
CA GLY A 133 36.76 -10.74 -4.32
C GLY A 133 35.52 -11.60 -4.09
N VAL A 134 35.37 -12.64 -4.91
CA VAL A 134 34.24 -13.56 -4.79
C VAL A 134 34.81 -14.91 -4.35
N PRO A 135 34.09 -15.67 -3.53
CA PRO A 135 34.67 -16.91 -3.00
C PRO A 135 34.81 -18.00 -4.04
N GLU A 136 35.83 -18.84 -3.84
CA GLU A 136 36.01 -20.03 -4.67
C GLU A 136 34.89 -21.03 -4.45
N PHE A 137 34.25 -21.00 -3.30
CA PHE A 137 33.21 -21.95 -2.94
C PHE A 137 32.15 -21.24 -2.11
N ILE A 138 30.88 -21.48 -2.44
CA ILE A 138 29.76 -20.92 -1.69
C ILE A 138 28.70 -22.00 -1.56
N SER A 139 28.04 -22.05 -0.41
CA SER A 139 26.95 -23.01 -0.18
C SER A 139 25.87 -22.34 0.63
N VAL A 140 24.64 -22.33 0.11
CA VAL A 140 23.50 -21.67 0.73
C VAL A 140 22.34 -22.64 0.81
N GLY A 141 21.57 -22.55 1.89
CA GLY A 141 20.36 -23.32 2.07
C GLY A 141 19.15 -22.42 1.98
N TYR A 142 18.03 -22.97 1.52
CA TYR A 142 16.81 -22.22 1.31
C TYR A 142 15.60 -23.02 1.77
N VAL A 143 14.66 -22.34 2.41
CA VAL A 143 13.31 -22.88 2.61
C VAL A 143 12.37 -21.95 1.84
N ASP A 144 11.81 -22.43 0.74
CA ASP A 144 10.82 -21.67 -0.03
C ASP A 144 11.39 -20.32 -0.45
N SER A 145 12.58 -20.34 -1.03
CA SER A 145 13.22 -19.11 -1.50
C SER A 145 13.54 -18.15 -0.34
N HIS A 146 13.70 -18.71 0.86
CA HIS A 146 14.23 -17.94 1.98
C HIS A 146 15.60 -18.49 2.35
N PRO A 147 16.70 -17.74 2.18
CA PRO A 147 18.01 -18.27 2.61
C PRO A 147 18.04 -18.45 4.11
N ILE A 148 18.23 -19.69 4.55
CA ILE A 148 18.27 -20.01 5.98
C ILE A 148 19.70 -20.04 6.50
N THR A 149 20.67 -20.48 5.69
CA THR A 149 22.05 -20.58 6.13
C THR A 149 22.99 -20.24 5.00
N THR A 150 24.19 -19.78 5.36
CA THR A 150 25.18 -19.37 4.37
C THR A 150 26.55 -19.84 4.81
N TYR A 151 27.34 -20.30 3.84
CA TYR A 151 28.73 -20.68 4.05
C TYR A 151 29.53 -20.29 2.83
N ASP A 152 30.76 -19.81 3.03
CA ASP A 152 31.63 -19.50 1.91
C ASP A 152 33.09 -19.72 2.30
N SER A 153 33.95 -19.76 1.28
CA SER A 153 35.36 -20.07 1.49
C SER A 153 36.11 -18.93 2.16
N VAL A 154 35.67 -17.69 1.95
CA VAL A 154 36.30 -16.56 2.62
C VAL A 154 35.97 -16.59 4.11
N THR A 155 34.71 -16.87 4.44
CA THR A 155 34.29 -16.91 5.83
C THR A 155 34.80 -18.18 6.53
N ARG A 156 34.75 -19.32 5.85
CA ARG A 156 35.13 -20.60 6.42
C ARG A 156 34.24 -21.00 7.58
N GLN A 157 33.09 -20.36 7.70
CA GLN A 157 32.16 -20.60 8.79
C GLN A 157 30.76 -20.60 8.23
N LYS A 158 29.90 -21.48 8.78
CA LYS A 158 28.48 -21.58 8.40
C LYS A 158 27.77 -20.68 9.39
N GLU A 159 27.01 -19.72 8.88
CA GLU A 159 26.33 -18.74 9.69
C GLU A 159 24.86 -18.75 9.30
N PRO A 160 23.96 -18.49 10.25
CA PRO A 160 22.55 -18.43 9.88
C PRO A 160 22.32 -17.18 9.05
N ARG A 161 21.56 -17.33 7.98
CA ARG A 161 21.17 -16.19 7.17
C ARG A 161 19.77 -15.70 7.53
N ALA A 162 19.07 -16.41 8.40
CA ALA A 162 17.75 -16.01 8.87
C ALA A 162 17.76 -15.89 10.40
N PRO A 163 16.97 -14.96 10.95
CA PRO A 163 16.98 -14.80 12.42
C PRO A 163 16.31 -15.96 13.12
N TRP A 164 15.23 -16.48 12.54
CA TRP A 164 14.53 -17.61 13.14
C TRP A 164 15.37 -18.88 13.16
N MET A 165 16.43 -18.93 12.35
CA MET A 165 17.38 -20.04 12.35
C MET A 165 18.45 -19.92 13.43
N ALA A 166 18.72 -18.72 13.91
CA ALA A 166 19.77 -18.47 14.88
C ALA A 166 19.27 -18.50 16.30
N GLU A 167 17.96 -18.58 16.49
CA GLU A 167 17.33 -18.58 17.80
C GLU A 167 16.81 -19.97 18.16
N ASN A 168 17.08 -20.98 17.34
CA ASN A 168 16.59 -22.33 17.58
C ASN A 168 17.63 -23.42 17.36
N LEU A 169 18.82 -23.10 16.89
CA LEU A 169 19.85 -24.09 16.61
C LEU A 169 21.02 -23.79 17.54
N ALA A 170 21.42 -24.79 18.32
CA ALA A 170 22.48 -24.58 19.29
C ALA A 170 23.80 -24.25 18.58
N PRO A 171 24.69 -23.50 19.25
CA PRO A 171 25.99 -23.21 18.64
C PRO A 171 26.76 -24.45 18.22
N ASP A 172 26.62 -25.57 18.94
CA ASP A 172 27.26 -26.80 18.52
C ASP A 172 26.78 -27.24 17.13
N HIS A 173 25.51 -26.98 16.80
CA HIS A 173 25.01 -27.36 15.48
C HIS A 173 25.77 -26.65 14.38
N TRP A 174 26.13 -25.38 14.60
CA TRP A 174 26.90 -24.66 13.59
C TRP A 174 28.32 -25.20 13.48
N GLU A 175 28.92 -25.59 14.62
CA GLU A 175 30.26 -26.16 14.59
C GLU A 175 30.28 -27.48 13.82
N ARG A 176 29.33 -28.37 14.11
CA ARG A 176 29.32 -29.68 13.49
C ARG A 176 29.28 -29.58 11.97
N TYR A 177 28.41 -28.71 11.45
CA TYR A 177 28.21 -28.66 10.01
C TYR A 177 29.20 -27.74 9.31
N THR A 178 29.87 -26.84 10.05
CA THR A 178 31.02 -26.16 9.48
C THR A 178 32.13 -27.13 9.10
N GLN A 179 32.27 -28.23 9.87
CA GLN A 179 33.28 -29.24 9.52
C GLN A 179 32.90 -29.98 8.25
N LEU A 180 31.61 -30.28 8.08
CA LEU A 180 31.19 -30.94 6.85
C LEU A 180 31.42 -30.05 5.65
N LEU A 181 31.17 -28.75 5.79
CA LEU A 181 31.28 -27.82 4.67
C LEU A 181 32.72 -27.51 4.33
N ARG A 182 33.63 -27.59 5.30
CA ARG A 182 35.05 -27.42 5.01
C ARG A 182 35.57 -28.60 4.20
N GLY A 183 35.09 -29.80 4.51
CA GLY A 183 35.45 -30.95 3.69
C GLY A 183 34.82 -30.93 2.32
N TRP A 184 33.52 -30.59 2.26
CA TRP A 184 32.84 -30.50 0.98
C TRP A 184 33.49 -29.48 0.07
N GLN A 185 33.99 -28.38 0.66
CA GLN A 185 34.69 -27.36 -0.12
C GLN A 185 35.91 -27.95 -0.82
N GLN A 186 36.76 -28.64 -0.06
CA GLN A 186 37.94 -29.25 -0.66
C GLN A 186 37.55 -30.26 -1.74
N MET A 187 36.54 -31.08 -1.48
CA MET A 187 36.09 -32.01 -2.51
C MET A 187 35.67 -31.27 -3.78
N PHE A 188 34.98 -30.14 -3.61
CA PHE A 188 34.54 -29.38 -4.77
C PHE A 188 35.73 -28.80 -5.53
N LYS A 189 36.73 -28.27 -4.81
CA LYS A 189 37.92 -27.78 -5.49
C LYS A 189 38.59 -28.89 -6.29
N VAL A 190 38.76 -30.06 -5.66
CA VAL A 190 39.47 -31.16 -6.31
C VAL A 190 38.64 -31.70 -7.46
N GLU A 191 37.34 -31.92 -7.22
CA GLU A 191 36.47 -32.44 -8.27
C GLU A 191 36.41 -31.50 -9.47
N LEU A 192 36.51 -30.18 -9.24
CA LEU A 192 36.44 -29.24 -10.35
C LEU A 192 37.68 -29.32 -11.23
N LYS A 193 38.86 -29.48 -10.62
CA LYS A 193 40.08 -29.65 -11.41
C LYS A 193 40.03 -30.91 -12.26
N ARG A 194 39.57 -32.02 -11.68
CA ARG A 194 39.43 -33.24 -12.48
C ARG A 194 38.61 -32.98 -13.74
N LEU A 195 37.52 -32.22 -13.62
CA LEU A 195 36.66 -31.97 -14.77
C LEU A 195 37.33 -31.07 -15.79
N GLN A 196 38.12 -30.08 -15.34
CA GLN A 196 38.83 -29.23 -16.28
C GLN A 196 39.93 -29.99 -17.00
N ARG A 197 40.68 -30.83 -16.27
CA ARG A 197 41.66 -31.70 -16.93
C ARG A 197 40.99 -32.62 -17.93
N HIS A 198 39.90 -33.27 -17.52
CA HIS A 198 39.21 -34.20 -18.41
C HIS A 198 38.74 -33.50 -19.68
N TYR A 199 38.25 -32.27 -19.54
CA TYR A 199 37.80 -31.49 -20.69
C TYR A 199 38.91 -30.64 -21.31
N ASN A 200 40.09 -30.61 -20.69
CA ASN A 200 41.20 -29.76 -21.14
C ASN A 200 40.76 -28.30 -21.22
N HIS A 201 40.07 -27.86 -20.17
CA HIS A 201 39.55 -26.50 -20.12
C HIS A 201 40.52 -25.63 -19.32
N SER A 202 40.70 -24.39 -19.78
CA SER A 202 41.57 -23.43 -19.12
C SER A 202 40.74 -22.22 -18.69
N GLY A 203 41.21 -21.55 -17.64
CA GLY A 203 40.52 -20.39 -17.12
C GLY A 203 39.44 -20.77 -16.12
N SER A 204 38.53 -19.82 -15.90
CA SER A 204 37.49 -19.97 -14.89
C SER A 204 36.35 -20.85 -15.40
N HIS A 205 35.96 -21.83 -14.60
CA HIS A 205 34.80 -22.67 -14.87
C HIS A 205 34.04 -22.84 -13.57
N THR A 206 32.76 -23.20 -13.69
CA THR A 206 31.90 -23.31 -12.53
C THR A 206 31.46 -24.76 -12.32
N TYR A 207 31.38 -25.15 -11.06
CA TYR A 207 30.85 -26.42 -10.60
C TYR A 207 29.65 -26.12 -9.71
N GLN A 208 28.55 -26.85 -9.92
CA GLN A 208 27.36 -26.60 -9.12
C GLN A 208 26.71 -27.91 -8.70
N ARG A 209 26.12 -27.88 -7.51
CA ARG A 209 25.38 -28.99 -6.94
C ARG A 209 24.12 -28.46 -6.31
N MET A 210 23.05 -29.26 -6.42
CA MET A 210 21.75 -28.90 -5.86
C MET A 210 21.13 -30.15 -5.27
N ILE A 211 20.77 -30.08 -3.99
CA ILE A 211 20.06 -31.13 -3.28
C ILE A 211 18.87 -30.47 -2.60
N GLY A 212 17.77 -31.19 -2.53
CA GLY A 212 16.60 -30.64 -1.86
C GLY A 212 15.47 -31.65 -1.83
N CYS A 213 14.42 -31.27 -1.11
CA CYS A 213 13.21 -32.07 -0.99
C CYS A 213 12.00 -31.15 -0.95
N GLU A 214 10.86 -31.68 -1.39
CA GLU A 214 9.60 -30.96 -1.41
C GLU A 214 8.59 -31.73 -0.57
N LEU A 215 7.88 -31.02 0.30
CA LEU A 215 6.81 -31.59 1.11
C LEU A 215 5.50 -31.04 0.56
N LEU A 216 4.72 -31.89 -0.08
CA LEU A 216 3.47 -31.42 -0.68
C LEU A 216 2.39 -31.34 0.39
N GLU A 217 1.31 -30.63 0.06
CA GLU A 217 0.27 -30.37 1.04
C GLU A 217 -0.37 -31.68 1.52
N ASP A 218 -0.56 -32.64 0.63
CA ASP A 218 -1.24 -33.88 0.99
C ASP A 218 -0.35 -34.85 1.75
N GLY A 219 0.93 -34.54 1.93
CA GLY A 219 1.84 -35.41 2.64
C GLY A 219 2.83 -36.15 1.76
N SER A 220 2.68 -36.05 0.45
CA SER A 220 3.64 -36.65 -0.46
C SER A 220 4.98 -35.91 -0.37
N THR A 221 6.05 -36.59 -0.78
CA THR A 221 7.39 -36.03 -0.72
C THR A 221 8.08 -36.20 -2.06
N THR A 222 9.00 -35.26 -2.35
CA THR A 222 9.81 -35.31 -3.55
C THR A 222 11.25 -34.98 -3.17
N GLY A 223 12.19 -35.51 -3.95
CA GLY A 223 13.60 -35.28 -3.69
C GLY A 223 14.36 -35.21 -5.00
N PHE A 224 15.51 -34.54 -4.94
CA PHE A 224 16.32 -34.33 -6.12
C PHE A 224 17.76 -34.04 -5.69
N LEU A 225 18.71 -34.58 -6.46
CA LEU A 225 20.13 -34.31 -6.29
C LEU A 225 20.75 -34.21 -7.68
N GLN A 226 21.49 -33.14 -7.93
CA GLN A 226 21.96 -32.85 -9.28
C GLN A 226 23.28 -32.10 -9.24
N TYR A 227 24.06 -32.26 -10.30
CA TYR A 227 25.33 -31.60 -10.47
C TYR A 227 25.36 -30.94 -11.84
N ALA A 228 25.99 -29.77 -11.93
CA ALA A 228 26.13 -29.07 -13.19
C ALA A 228 27.56 -28.58 -13.38
N TYR A 229 28.04 -28.69 -14.60
CA TYR A 229 29.33 -28.15 -15.02
C TYR A 229 29.07 -27.01 -16.01
N ASP A 230 29.63 -25.83 -15.72
CA ASP A 230 29.38 -24.64 -16.52
C ASP A 230 27.90 -24.49 -16.83
N GLY A 231 27.08 -24.49 -15.78
CA GLY A 231 25.66 -24.21 -15.89
C GLY A 231 24.87 -25.22 -16.70
N GLN A 232 25.50 -26.35 -17.01
CA GLN A 232 24.86 -27.39 -17.80
C GLN A 232 24.78 -28.69 -17.00
N ASP A 233 23.62 -29.35 -17.08
CA ASP A 233 23.42 -30.61 -16.37
C ASP A 233 24.58 -31.56 -16.63
N PHE A 234 25.13 -32.10 -15.54
CA PHE A 234 26.29 -32.98 -15.61
C PHE A 234 25.96 -34.35 -15.05
N LEU A 235 25.50 -34.43 -13.80
CA LEU A 235 25.12 -35.69 -13.18
C LEU A 235 23.81 -35.51 -12.43
N ILE A 236 22.88 -36.43 -12.68
CA ILE A 236 21.56 -36.41 -12.05
C ILE A 236 21.40 -37.71 -11.27
N PHE A 237 21.17 -37.58 -9.97
CA PHE A 237 20.95 -38.75 -9.14
C PHE A 237 19.50 -39.21 -9.23
N ASN A 238 19.32 -40.50 -9.49
CA ASN A 238 18.02 -41.14 -9.41
C ASN A 238 18.00 -41.96 -8.12
N LYS A 239 17.22 -41.52 -7.12
CA LYS A 239 17.18 -42.21 -5.85
C LYS A 239 16.30 -43.45 -5.88
N ASP A 240 15.48 -43.62 -6.90
CA ASP A 240 14.66 -44.82 -7.02
C ASP A 240 15.47 -46.01 -7.47
N THR A 241 16.48 -45.79 -8.30
CA THR A 241 17.38 -46.83 -8.77
C THR A 241 18.79 -46.66 -8.23
N LEU A 242 18.98 -45.72 -7.31
CA LEU A 242 20.28 -45.41 -6.73
C LEU A 242 21.36 -45.37 -7.80
N SER A 243 21.05 -44.68 -8.89
CA SER A 243 21.97 -44.53 -10.00
C SER A 243 22.24 -43.06 -10.27
N TRP A 244 23.43 -42.78 -10.78
CA TRP A 244 23.80 -41.47 -11.25
C TRP A 244 23.69 -41.46 -12.76
N LEU A 245 22.85 -40.60 -13.32
CA LEU A 245 22.72 -40.46 -14.76
C LEU A 245 23.75 -39.44 -15.26
N ALA A 246 24.51 -39.82 -16.28
CA ALA A 246 25.61 -39.01 -16.78
C ALA A 246 25.28 -38.49 -18.17
N VAL A 247 25.51 -37.19 -18.38
CA VAL A 247 25.27 -36.59 -19.69
C VAL A 247 26.41 -36.90 -20.64
N ASP A 248 27.64 -36.90 -20.13
CA ASP A 248 28.83 -37.05 -20.94
C ASP A 248 29.58 -38.30 -20.53
N ASN A 249 30.55 -38.66 -21.36
CA ASN A 249 31.47 -39.72 -21.01
C ASN A 249 32.37 -39.28 -19.84
N VAL A 250 32.71 -37.98 -19.77
CA VAL A 250 33.43 -37.46 -18.60
C VAL A 250 32.59 -37.63 -17.35
N ALA A 251 31.31 -37.25 -17.42
CA ALA A 251 30.41 -37.48 -16.31
C ALA A 251 30.30 -38.98 -16.00
N HIS A 252 30.32 -39.81 -17.05
CA HIS A 252 30.28 -41.25 -16.83
C HIS A 252 31.47 -41.71 -16.01
N THR A 253 32.67 -41.19 -16.31
CA THR A 253 33.85 -41.53 -15.52
C THR A 253 33.66 -41.17 -14.06
N ILE A 254 33.09 -39.99 -13.78
CA ILE A 254 32.83 -39.61 -12.39
C ILE A 254 31.75 -40.49 -11.79
N LYS A 255 30.70 -40.78 -12.58
CA LYS A 255 29.63 -41.67 -12.14
C LYS A 255 30.20 -42.99 -11.61
N GLN A 256 31.15 -43.58 -12.34
CA GLN A 256 31.67 -44.89 -11.96
C GLN A 256 32.37 -44.83 -10.60
N ALA A 257 33.18 -43.79 -10.37
CA ALA A 257 33.84 -43.63 -9.08
C ALA A 257 32.82 -43.57 -7.95
N TRP A 258 31.77 -42.77 -8.12
CA TRP A 258 30.80 -42.57 -7.04
C TRP A 258 29.93 -43.80 -6.83
N GLU A 259 29.58 -44.50 -7.92
CA GLU A 259 28.70 -45.65 -7.80
C GLU A 259 29.38 -46.85 -7.15
N ALA A 260 30.71 -46.78 -6.97
CA ALA A 260 31.41 -47.85 -6.25
C ALA A 260 30.97 -47.90 -4.80
N ASN A 261 30.81 -46.75 -4.15
CA ASN A 261 30.48 -46.69 -2.74
C ASN A 261 28.96 -46.79 -2.59
N GLN A 262 28.48 -48.04 -2.54
CA GLN A 262 27.05 -48.29 -2.42
C GLN A 262 26.47 -47.63 -1.18
N HIS A 263 27.24 -47.54 -0.10
CA HIS A 263 26.75 -46.90 1.11
C HIS A 263 26.42 -45.44 0.88
N GLU A 264 27.30 -44.73 0.17
CA GLU A 264 27.04 -43.32 -0.12
C GLU A 264 25.71 -43.15 -0.83
N LEU A 265 25.43 -43.98 -1.83
CA LEU A 265 24.18 -43.87 -2.58
C LEU A 265 22.97 -44.07 -1.68
N LEU A 266 23.00 -45.10 -0.83
CA LEU A 266 21.85 -45.34 0.05
C LEU A 266 21.64 -44.16 0.99
N TYR A 267 22.73 -43.54 1.43
CA TYR A 267 22.59 -42.36 2.28
C TYR A 267 21.86 -41.24 1.55
N GLN A 268 22.19 -41.04 0.27
CA GLN A 268 21.50 -40.02 -0.52
C GLN A 268 19.99 -40.25 -0.52
N LYS A 269 19.56 -41.48 -0.81
CA LYS A 269 18.13 -41.78 -0.80
C LYS A 269 17.53 -41.51 0.57
N ASN A 270 18.22 -41.93 1.63
CA ASN A 270 17.66 -41.76 2.97
C ASN A 270 17.66 -40.30 3.39
N TRP A 271 18.71 -39.55 3.05
CA TRP A 271 18.73 -38.14 3.41
C TRP A 271 17.60 -37.39 2.74
N LEU A 272 17.35 -37.67 1.46
CA LEU A 272 16.30 -36.97 0.72
C LEU A 272 14.93 -37.30 1.26
N GLU A 273 14.63 -38.60 1.44
CA GLU A 273 13.30 -39.03 1.79
C GLU A 273 12.97 -38.85 3.27
N GLU A 274 13.99 -38.78 4.13
CA GLU A 274 13.75 -38.75 5.57
C GLU A 274 14.37 -37.51 6.19
N GLU A 275 15.70 -37.50 6.37
CA GLU A 275 16.35 -36.40 7.08
C GLU A 275 15.98 -35.04 6.49
N CYS A 276 15.85 -34.97 5.16
CA CYS A 276 15.56 -33.69 4.51
C CYS A 276 14.17 -33.20 4.88
N ILE A 277 13.17 -34.09 4.86
CA ILE A 277 11.81 -33.70 5.21
C ILE A 277 11.72 -33.39 6.70
N ALA A 278 12.45 -34.13 7.53
CA ALA A 278 12.46 -33.84 8.95
C ALA A 278 13.05 -32.46 9.23
N TRP A 279 14.21 -32.17 8.63
CA TRP A 279 14.79 -30.83 8.72
C TRP A 279 13.76 -29.76 8.29
N LEU A 280 13.10 -30.00 7.16
CA LEU A 280 12.18 -29.02 6.59
C LEU A 280 11.03 -28.74 7.55
N LYS A 281 10.40 -29.80 8.08
CA LYS A 281 9.33 -29.62 9.05
C LYS A 281 9.82 -28.83 10.26
N ARG A 282 11.01 -29.19 10.77
CA ARG A 282 11.62 -28.45 11.87
C ARG A 282 11.74 -26.96 11.53
N PHE A 283 12.25 -26.65 10.34
CA PHE A 283 12.43 -25.26 9.93
C PHE A 283 11.10 -24.56 9.71
N LEU A 284 10.13 -25.25 9.11
CA LEU A 284 8.83 -24.61 8.88
C LEU A 284 8.17 -24.17 10.17
N GLU A 285 8.55 -24.77 11.31
CA GLU A 285 8.07 -24.30 12.61
C GLU A 285 8.91 -23.14 13.12
N TYR A 286 10.24 -23.30 13.10
CA TYR A 286 11.12 -22.21 13.49
C TYR A 286 10.75 -20.90 12.79
N GLY A 287 10.36 -20.99 11.52
CA GLY A 287 10.04 -19.80 10.74
C GLY A 287 8.59 -19.71 10.36
N LYS A 288 7.73 -20.35 11.14
CA LYS A 288 6.30 -20.35 10.87
C LYS A 288 5.75 -18.95 10.68
N ASP A 289 6.26 -17.98 11.44
CA ASP A 289 5.75 -16.62 11.31
C ASP A 289 5.92 -16.09 9.88
N THR A 290 7.06 -16.37 9.26
CA THR A 290 7.36 -15.87 7.93
C THR A 290 7.02 -16.86 6.82
N LEU A 291 7.27 -18.15 7.04
CA LEU A 291 7.08 -19.15 5.99
C LEU A 291 5.60 -19.50 5.82
N GLN A 292 4.87 -19.62 6.92
CA GLN A 292 3.46 -20.00 6.87
C GLN A 292 2.57 -18.77 6.68
N ARG A 293 3.16 -17.58 6.69
CA ARG A 293 2.46 -16.33 6.42
C ARG A 293 1.84 -16.32 5.04
N THR A 294 0.64 -15.73 4.95
CA THR A 294 -0.03 -15.48 3.68
C THR A 294 -0.43 -14.01 3.67
N GLU A 295 0.11 -13.24 2.72
CA GLU A 295 -0.27 -11.84 2.57
C GLU A 295 -1.11 -11.70 1.30
N PRO A 296 -2.38 -11.31 1.39
CA PRO A 296 -3.21 -11.29 0.19
C PRO A 296 -2.79 -10.16 -0.74
N PRO A 297 -3.01 -10.31 -2.04
CA PRO A 297 -2.61 -9.26 -2.98
C PRO A 297 -3.58 -8.10 -3.03
N LEU A 298 -3.02 -6.93 -3.35
CA LEU A 298 -3.77 -5.70 -3.58
C LEU A 298 -3.75 -5.42 -5.07
N VAL A 299 -4.93 -5.41 -5.69
CA VAL A 299 -5.06 -5.32 -7.14
C VAL A 299 -5.73 -4.00 -7.49
N ARG A 300 -5.10 -3.24 -8.39
CA ARG A 300 -5.70 -2.04 -8.96
C ARG A 300 -5.64 -2.15 -10.47
N VAL A 301 -6.70 -1.70 -11.14
CA VAL A 301 -6.78 -1.65 -12.60
C VAL A 301 -6.48 -0.24 -13.08
N ASN A 302 -5.53 -0.11 -13.99
CA ASN A 302 -5.17 1.17 -14.58
C ASN A 302 -5.51 1.16 -16.07
N ARG A 303 -5.78 2.35 -16.59
CA ARG A 303 -6.08 2.59 -17.99
C ARG A 303 -5.03 3.53 -18.54
N LYS A 304 -4.38 3.13 -19.62
CA LYS A 304 -3.28 3.93 -20.17
C LYS A 304 -3.50 4.11 -21.66
N GLU A 305 -3.29 5.34 -22.15
CA GLU A 305 -3.39 5.66 -23.57
C GLU A 305 -2.03 6.23 -23.96
N THR A 306 -1.10 5.34 -24.34
CA THR A 306 0.24 5.78 -24.71
C THR A 306 0.23 6.55 -26.02
N PHE A 307 -0.49 6.07 -27.02
CA PHE A 307 -0.56 6.73 -28.31
C PHE A 307 -2.01 6.97 -28.70
N PRO A 308 -2.27 7.92 -29.60
CA PRO A 308 -3.64 8.18 -30.00
C PRO A 308 -4.29 6.94 -30.61
N GLY A 309 -5.48 6.60 -30.10
CA GLY A 309 -6.16 5.40 -30.53
C GLY A 309 -5.60 4.12 -29.93
N VAL A 310 -4.83 4.22 -28.86
CA VAL A 310 -4.27 3.06 -28.15
C VAL A 310 -4.68 3.16 -26.70
N THR A 311 -5.40 2.16 -26.21
CA THR A 311 -5.83 2.10 -24.83
C THR A 311 -5.63 0.68 -24.33
N ALA A 312 -5.08 0.54 -23.12
CA ALA A 312 -4.78 -0.76 -22.55
C ALA A 312 -5.15 -0.76 -21.07
N LEU A 313 -5.58 -1.91 -20.60
CA LEU A 313 -5.96 -2.11 -19.20
C LEU A 313 -4.90 -2.97 -18.51
N PHE A 314 -4.40 -2.51 -17.37
CA PHE A 314 -3.35 -3.19 -16.63
C PHE A 314 -3.89 -3.65 -15.28
N CYS A 315 -3.98 -4.96 -15.10
CA CYS A 315 -4.30 -5.54 -13.80
C CYS A 315 -2.99 -5.73 -13.03
N LYS A 316 -2.77 -4.91 -12.00
CA LYS A 316 -1.50 -4.89 -11.28
C LYS A 316 -1.73 -5.35 -9.84
N ALA A 317 -0.99 -6.38 -9.44
CA ALA A 317 -1.08 -6.94 -8.09
C ALA A 317 0.24 -6.70 -7.36
N HIS A 318 0.15 -6.41 -6.06
CA HIS A 318 1.36 -6.13 -5.28
C HIS A 318 1.18 -6.59 -3.83
N GLY A 319 2.30 -6.72 -3.14
CA GLY A 319 2.30 -6.98 -1.71
C GLY A 319 1.80 -8.34 -1.27
N PHE A 320 1.91 -9.36 -2.12
CA PHE A 320 1.41 -10.69 -1.77
C PHE A 320 2.55 -11.65 -1.46
N TYR A 321 2.17 -12.75 -0.80
CA TYR A 321 3.06 -13.84 -0.43
C TYR A 321 2.21 -15.06 -0.09
N PRO A 322 2.56 -16.25 -0.56
CA PRO A 322 3.74 -16.56 -1.40
C PRO A 322 3.60 -16.09 -2.85
N PRO A 323 4.73 -16.02 -3.55
CA PRO A 323 4.71 -15.50 -4.94
C PRO A 323 3.81 -16.28 -5.91
N GLU A 324 3.31 -17.45 -5.55
CA GLU A 324 2.45 -18.20 -6.48
C GLU A 324 1.14 -17.44 -6.68
N ILE A 325 0.91 -16.95 -7.91
CA ILE A 325 -0.29 -16.19 -8.21
C ILE A 325 -0.73 -16.49 -9.64
N TYR A 326 -2.02 -16.23 -9.90
CA TYR A 326 -2.59 -16.44 -11.23
C TYR A 326 -3.48 -15.26 -11.58
N MET A 327 -3.21 -14.63 -12.73
CA MET A 327 -3.95 -13.46 -13.20
C MET A 327 -4.43 -13.68 -14.62
N THR A 328 -5.63 -13.18 -14.93
CA THR A 328 -6.17 -13.33 -16.28
C THR A 328 -7.22 -12.26 -16.55
N TRP A 329 -7.52 -12.08 -17.84
CA TRP A 329 -8.52 -11.14 -18.32
C TRP A 329 -9.61 -11.89 -19.08
N MET A 330 -10.86 -11.45 -18.91
CA MET A 330 -12.02 -12.11 -19.51
C MET A 330 -12.87 -11.10 -20.26
N LYS A 331 -13.07 -11.30 -21.57
CA LYS A 331 -13.95 -10.42 -22.32
C LYS A 331 -15.40 -10.81 -22.02
N ASN A 332 -16.20 -9.83 -21.58
CA ASN A 332 -17.63 -9.99 -21.28
C ASN A 332 -17.88 -10.95 -20.12
N GLY A 333 -16.86 -11.34 -19.38
CA GLY A 333 -17.06 -12.25 -18.26
C GLY A 333 -17.44 -13.66 -18.64
N GLU A 334 -17.10 -14.12 -19.84
CA GLU A 334 -17.40 -15.48 -20.26
C GLU A 334 -16.16 -16.27 -20.65
N GLU A 335 -15.30 -15.72 -21.51
CA GLU A 335 -14.14 -16.45 -22.00
C GLU A 335 -12.87 -15.64 -21.80
N ILE A 336 -11.75 -16.36 -21.67
CA ILE A 336 -10.45 -15.73 -21.50
C ILE A 336 -9.98 -15.10 -22.80
N VAL A 337 -9.21 -14.02 -22.66
CA VAL A 337 -8.61 -13.34 -23.82
C VAL A 337 -7.38 -14.12 -24.27
N GLN A 338 -7.22 -14.25 -25.59
CA GLN A 338 -6.10 -14.97 -26.19
C GLN A 338 -5.04 -14.02 -26.73
N GLU A 339 -4.89 -12.85 -26.09
CA GLU A 339 -3.91 -11.85 -26.49
C GLU A 339 -3.37 -11.12 -25.26
N ILE A 340 -3.30 -11.81 -24.13
CA ILE A 340 -2.98 -11.19 -22.84
C ILE A 340 -1.46 -11.11 -22.69
N ASP A 341 -0.94 -9.91 -22.55
CA ASP A 341 0.45 -9.72 -22.16
C ASP A 341 0.59 -9.92 -20.66
N TYR A 342 1.76 -10.36 -20.23
CA TYR A 342 2.00 -10.73 -18.84
C TYR A 342 3.24 -10.05 -18.29
N GLY A 343 3.27 -9.88 -16.98
CA GLY A 343 4.43 -9.35 -16.29
C GLY A 343 5.00 -10.40 -15.35
N ASP A 344 6.32 -10.45 -15.25
CA ASP A 344 6.97 -11.40 -14.36
C ASP A 344 6.61 -11.13 -12.91
N ILE A 345 6.46 -12.20 -12.13
CA ILE A 345 6.35 -12.06 -10.68
C ILE A 345 7.70 -11.59 -10.15
N LEU A 346 7.72 -10.39 -9.57
CA LEU A 346 8.97 -9.80 -9.17
C LEU A 346 9.04 -9.62 -7.66
N PRO A 347 10.20 -9.84 -7.05
CA PRO A 347 10.38 -9.53 -5.62
C PRO A 347 10.44 -8.02 -5.41
N SER A 348 9.54 -7.51 -4.58
CA SER A 348 9.53 -6.07 -4.31
C SER A 348 10.66 -5.65 -3.38
N GLY A 349 11.19 -6.57 -2.59
CA GLY A 349 12.30 -6.28 -1.69
C GLY A 349 11.96 -6.37 -0.22
N ASP A 350 10.66 -6.37 0.12
CA ASP A 350 10.22 -6.43 1.50
C ASP A 350 9.59 -7.78 1.85
N GLY A 351 9.93 -8.82 1.11
CA GLY A 351 9.35 -10.13 1.33
C GLY A 351 8.06 -10.39 0.58
N THR A 352 7.54 -9.42 -0.15
CA THR A 352 6.32 -9.58 -0.93
C THR A 352 6.63 -9.44 -2.40
N TYR A 353 5.62 -9.70 -3.23
CA TYR A 353 5.82 -9.85 -4.67
C TYR A 353 4.74 -9.10 -5.43
N GLN A 354 5.09 -8.74 -6.67
CA GLN A 354 4.22 -7.96 -7.54
C GLN A 354 4.21 -8.58 -8.92
N ALA A 355 3.14 -8.30 -9.67
CA ALA A 355 2.95 -8.83 -11.02
C ALA A 355 1.87 -8.01 -11.70
N TRP A 356 1.69 -8.24 -13.00
CA TRP A 356 0.69 -7.50 -13.76
C TRP A 356 0.33 -8.25 -15.04
N ALA A 357 -0.82 -7.88 -15.60
CA ALA A 357 -1.34 -8.49 -16.81
C ALA A 357 -2.10 -7.42 -17.60
N SER A 358 -1.66 -7.14 -18.82
CA SER A 358 -2.23 -6.08 -19.63
C SER A 358 -2.83 -6.63 -20.92
N ILE A 359 -4.01 -6.13 -21.26
CA ILE A 359 -4.70 -6.46 -22.51
C ILE A 359 -5.00 -5.17 -23.26
N GLU A 360 -5.02 -5.27 -24.60
CA GLU A 360 -5.32 -4.13 -25.45
C GLU A 360 -6.82 -3.90 -25.48
N LEU A 361 -7.25 -2.71 -25.06
CA LEU A 361 -8.66 -2.35 -25.08
C LEU A 361 -9.16 -2.21 -26.51
N ASP A 362 -10.36 -2.76 -26.75
CA ASP A 362 -10.89 -2.81 -28.10
C ASP A 362 -11.30 -1.41 -28.56
N PRO A 363 -11.03 -1.07 -29.83
CA PRO A 363 -11.57 0.19 -30.37
C PRO A 363 -13.08 0.18 -30.53
N GLN A 364 -13.67 -1.00 -30.73
CA GLN A 364 -15.11 -1.13 -30.82
C GLN A 364 -15.77 -0.89 -29.47
N SER A 365 -17.10 -0.95 -29.46
CA SER A 365 -17.85 -0.79 -28.23
C SER A 365 -17.43 -1.84 -27.22
N SER A 366 -17.44 -1.46 -25.95
CA SER A 366 -16.79 -2.26 -24.93
C SER A 366 -17.43 -3.63 -24.81
N ASN A 367 -16.59 -4.64 -24.59
CA ASN A 367 -17.03 -5.96 -24.17
C ASN A 367 -17.14 -6.05 -22.65
N LEU A 368 -16.96 -4.95 -21.93
CA LEU A 368 -16.97 -4.97 -20.46
C LEU A 368 -15.99 -6.01 -19.92
N TYR A 369 -14.72 -5.78 -20.25
CA TYR A 369 -13.65 -6.68 -19.84
C TYR A 369 -13.59 -6.79 -18.32
N SER A 370 -12.96 -7.86 -17.84
CA SER A 370 -12.82 -8.10 -16.41
C SER A 370 -11.48 -8.79 -16.15
N CYS A 371 -10.96 -8.57 -14.94
CA CYS A 371 -9.72 -9.18 -14.49
C CYS A 371 -10.02 -10.18 -13.38
N HIS A 372 -9.33 -11.33 -13.42
CA HIS A 372 -9.50 -12.38 -12.41
C HIS A 372 -8.15 -12.73 -11.80
N VAL A 373 -8.08 -12.67 -10.47
CA VAL A 373 -6.84 -12.91 -9.73
C VAL A 373 -7.09 -14.01 -8.71
N GLU A 374 -6.23 -15.03 -8.69
CA GLU A 374 -6.29 -16.11 -7.72
C GLU A 374 -4.98 -16.16 -6.95
N HIS A 375 -5.07 -16.09 -5.63
CA HIS A 375 -3.90 -16.21 -4.78
C HIS A 375 -4.26 -16.92 -3.50
N CYS A 376 -3.72 -18.11 -3.29
CA CYS A 376 -3.97 -18.90 -2.09
C CYS A 376 -5.44 -19.14 -1.76
N GLY A 377 -6.24 -19.43 -2.78
CA GLY A 377 -7.64 -19.72 -2.60
C GLY A 377 -8.56 -18.52 -2.64
N VAL A 378 -7.98 -17.33 -2.62
CA VAL A 378 -8.75 -16.10 -2.74
C VAL A 378 -8.95 -15.80 -4.23
N HIS A 379 -10.18 -15.49 -4.61
CA HIS A 379 -10.51 -15.13 -5.99
C HIS A 379 -11.03 -13.70 -6.04
N MET A 380 -10.34 -12.85 -6.78
CA MET A 380 -10.74 -11.46 -6.97
C MET A 380 -11.12 -11.23 -8.42
N VAL A 381 -12.24 -10.55 -8.63
CA VAL A 381 -12.70 -10.14 -9.96
C VAL A 381 -12.87 -8.62 -9.92
N LEU A 382 -12.08 -7.92 -10.74
CA LEU A 382 -12.19 -6.47 -10.87
C LEU A 382 -12.94 -6.18 -12.17
N GLN A 383 -14.27 -6.15 -12.08
CA GLN A 383 -15.11 -5.84 -13.23
C GLN A 383 -15.13 -4.33 -13.44
N VAL A 384 -14.60 -3.88 -14.57
CA VAL A 384 -14.53 -2.46 -14.88
C VAL A 384 -15.54 -2.12 -15.98
N ILE B 1 -27.44 23.48 22.09
CA ILE B 1 -27.29 22.00 22.19
C ILE B 1 -25.85 21.60 21.91
N GLN B 2 -25.22 21.00 22.91
CA GLN B 2 -23.87 20.51 22.76
C GLN B 2 -23.89 19.10 22.21
N ARG B 3 -22.80 18.75 21.51
CA ARG B 3 -22.61 17.44 20.92
C ARG B 3 -21.19 17.02 21.27
N THR B 4 -21.05 15.77 21.69
CA THR B 4 -19.75 15.30 22.16
C THR B 4 -18.96 14.71 20.99
N PRO B 5 -17.65 14.91 20.93
CA PRO B 5 -16.89 14.48 19.76
C PRO B 5 -16.85 12.96 19.59
N LYS B 6 -16.94 12.53 18.33
CA LYS B 6 -16.70 11.15 17.97
C LYS B 6 -15.20 10.97 17.79
N ILE B 7 -14.60 10.06 18.55
CA ILE B 7 -13.16 9.89 18.57
C ILE B 7 -12.81 8.52 18.00
N GLN B 8 -12.05 8.53 16.91
CA GLN B 8 -11.66 7.32 16.19
C GLN B 8 -10.16 7.34 16.01
N VAL B 9 -9.49 6.29 16.50
CA VAL B 9 -8.04 6.22 16.47
C VAL B 9 -7.65 5.05 15.58
N TYR B 10 -6.81 5.33 14.58
CA TYR B 10 -6.50 4.38 13.53
C TYR B 10 -5.24 4.87 12.82
N SER B 11 -4.65 3.99 12.01
CA SER B 11 -3.43 4.31 11.30
C SER B 11 -3.71 4.56 9.83
N ARG B 12 -2.83 5.37 9.21
CA ARG B 12 -3.00 5.74 7.80
C ARG B 12 -2.97 4.53 6.89
N HIS B 13 -1.97 3.66 7.06
CA HIS B 13 -1.87 2.41 6.31
C HIS B 13 -2.08 1.24 7.27
N PRO B 14 -2.48 0.08 6.76
CA PRO B 14 -2.60 -1.09 7.65
C PRO B 14 -1.32 -1.29 8.42
N ALA B 15 -1.43 -1.35 9.75
CA ALA B 15 -0.25 -1.30 10.61
C ALA B 15 0.45 -2.66 10.61
N GLU B 16 1.76 -2.62 10.37
CA GLU B 16 2.63 -3.79 10.46
C GLU B 16 3.81 -3.42 11.33
N ASN B 17 4.11 -4.25 12.33
CA ASN B 17 5.20 -3.95 13.24
C ASN B 17 6.49 -3.75 12.46
N GLY B 18 7.22 -2.69 12.79
CA GLY B 18 8.48 -2.39 12.15
C GLY B 18 8.40 -1.60 10.87
N LYS B 19 7.21 -1.17 10.47
CA LYS B 19 7.03 -0.40 9.23
C LYS B 19 6.42 0.95 9.58
N SER B 20 7.09 2.02 9.16
CA SER B 20 6.66 3.36 9.54
C SER B 20 5.22 3.62 9.11
N ASN B 21 4.53 4.43 9.90
CA ASN B 21 3.10 4.68 9.69
C ASN B 21 2.76 6.02 10.34
N PHE B 22 1.52 6.44 10.14
CA PHE B 22 0.96 7.63 10.77
C PHE B 22 -0.24 7.20 11.61
N LEU B 23 -0.29 7.65 12.86
CA LEU B 23 -1.43 7.37 13.71
C LEU B 23 -2.39 8.55 13.64
N ASN B 24 -3.67 8.25 13.47
CA ASN B 24 -4.69 9.26 13.28
C ASN B 24 -5.68 9.28 14.46
N CYS B 25 -6.17 10.48 14.77
CA CYS B 25 -7.26 10.65 15.71
C CYS B 25 -8.29 11.55 15.03
N TYR B 26 -9.28 10.94 14.38
CA TYR B 26 -10.32 11.68 13.67
C TYR B 26 -11.40 12.06 14.69
N VAL B 27 -11.53 13.36 14.92
CA VAL B 27 -12.42 13.91 15.94
C VAL B 27 -13.50 14.68 15.20
N SER B 28 -14.74 14.19 15.26
CA SER B 28 -15.81 14.73 14.43
C SER B 28 -17.10 14.85 15.23
N GLY B 29 -18.04 15.59 14.66
CA GLY B 29 -19.40 15.67 15.15
C GLY B 29 -19.60 16.45 16.42
N PHE B 30 -18.62 17.24 16.85
CA PHE B 30 -18.70 17.91 18.15
C PHE B 30 -19.13 19.36 18.01
N HIS B 31 -19.81 19.84 19.05
CA HIS B 31 -20.21 21.23 19.15
C HIS B 31 -20.27 21.55 20.64
N PRO B 32 -19.75 22.70 21.08
CA PRO B 32 -19.11 23.80 20.36
C PRO B 32 -17.71 23.48 19.86
N SER B 33 -17.00 24.50 19.37
CA SER B 33 -15.76 24.29 18.63
C SER B 33 -14.58 23.98 19.54
N ASP B 34 -14.55 24.55 20.75
CA ASP B 34 -13.38 24.43 21.61
C ASP B 34 -13.09 22.97 21.92
N ILE B 35 -11.86 22.54 21.61
CA ILE B 35 -11.43 21.18 21.86
C ILE B 35 -9.96 21.19 22.23
N GLU B 36 -9.53 20.14 22.92
CA GLU B 36 -8.13 19.85 23.17
C GLU B 36 -7.94 18.38 22.89
N VAL B 37 -7.01 18.05 22.00
CA VAL B 37 -6.76 16.67 21.59
C VAL B 37 -5.28 16.39 21.79
N ASP B 38 -4.98 15.26 22.43
CA ASP B 38 -3.62 14.81 22.62
C ASP B 38 -3.49 13.36 22.16
N LEU B 39 -2.32 13.04 21.61
CA LEU B 39 -1.94 11.68 21.28
C LEU B 39 -0.90 11.21 22.29
N LEU B 40 -1.07 9.98 22.78
CA LEU B 40 -0.27 9.46 23.87
C LEU B 40 0.49 8.22 23.42
N LYS B 41 1.80 8.19 23.68
CA LYS B 41 2.62 7.00 23.50
C LYS B 41 2.90 6.43 24.89
N ASN B 42 2.30 5.27 25.18
CA ASN B 42 2.43 4.65 26.50
C ASN B 42 2.06 5.65 27.60
N GLY B 43 0.95 6.35 27.38
CA GLY B 43 0.40 7.25 28.37
C GLY B 43 1.02 8.64 28.42
N GLU B 44 2.07 8.89 27.65
CA GLU B 44 2.77 10.17 27.71
C GLU B 44 2.46 10.96 26.44
N ARG B 45 2.10 12.22 26.63
CA ARG B 45 1.74 13.09 25.52
C ARG B 45 2.88 13.21 24.54
N ILE B 46 2.54 13.28 23.25
CA ILE B 46 3.51 13.36 22.17
C ILE B 46 3.63 14.82 21.76
N GLU B 47 4.86 15.32 21.74
CA GLU B 47 5.08 16.74 21.45
C GLU B 47 4.79 17.04 20.00
N LYS B 48 5.22 16.13 19.12
CA LYS B 48 5.03 16.35 17.70
C LYS B 48 3.70 15.78 17.24
N VAL B 49 2.77 16.69 16.99
CA VAL B 49 1.45 16.32 16.53
C VAL B 49 1.06 17.29 15.43
N GLU B 50 0.75 16.76 14.26
CA GLU B 50 0.16 17.55 13.19
C GLU B 50 -1.35 17.41 13.27
N HIS B 51 -2.05 18.42 12.78
CA HIS B 51 -3.50 18.40 12.83
C HIS B 51 -4.06 19.21 11.67
N SER B 52 -5.14 18.69 11.09
CA SER B 52 -5.86 19.39 10.05
C SER B 52 -6.31 20.75 10.58
N ASP B 53 -6.67 21.64 9.66
CA ASP B 53 -7.24 22.92 10.07
C ASP B 53 -8.69 22.69 10.50
N LEU B 54 -9.16 23.52 11.42
CA LEU B 54 -10.52 23.36 11.91
C LEU B 54 -11.50 23.42 10.74
N SER B 55 -12.33 22.38 10.64
CA SER B 55 -13.23 22.21 9.51
C SER B 55 -14.65 22.23 10.02
N PHE B 56 -15.59 22.39 9.08
CA PHE B 56 -16.97 22.62 9.44
C PHE B 56 -17.89 21.68 8.67
N SER B 57 -18.87 21.11 9.36
CA SER B 57 -19.81 20.20 8.72
C SER B 57 -21.12 20.92 8.42
N LYS B 58 -21.85 20.38 7.44
CA LYS B 58 -23.08 21.02 7.01
C LYS B 58 -24.18 20.95 8.07
N ASP B 59 -24.11 20.02 9.02
CA ASP B 59 -25.04 20.01 10.14
C ASP B 59 -24.57 20.89 11.28
N TRP B 60 -23.53 21.70 11.05
CA TRP B 60 -22.97 22.72 11.93
C TRP B 60 -22.01 22.10 12.94
N SER B 61 -21.82 20.78 12.91
CA SER B 61 -20.85 20.13 13.78
C SER B 61 -19.44 20.33 13.24
N PHE B 62 -18.47 20.36 14.15
CA PHE B 62 -17.07 20.56 13.80
C PHE B 62 -16.34 19.22 13.67
N TYR B 63 -15.33 19.19 12.80
CA TYR B 63 -14.53 17.98 12.63
C TYR B 63 -13.07 18.32 12.37
N LEU B 64 -12.19 17.39 12.73
CA LEU B 64 -10.75 17.60 12.65
C LEU B 64 -10.05 16.25 12.60
N LEU B 65 -8.79 16.28 12.19
CA LEU B 65 -7.94 15.10 12.18
C LEU B 65 -6.58 15.46 12.79
N TYR B 66 -6.14 14.66 13.75
CA TYR B 66 -4.82 14.77 14.34
C TYR B 66 -3.98 13.57 13.95
N TYR B 67 -2.74 13.79 13.54
CA TYR B 67 -1.88 12.72 13.07
C TYR B 67 -0.45 12.94 13.57
N THR B 68 0.29 11.85 13.69
CA THR B 68 1.69 11.90 14.04
C THR B 68 2.40 10.70 13.41
N GLU B 69 3.66 10.90 13.03
CA GLU B 69 4.45 9.85 12.41
C GLU B 69 4.97 8.90 13.48
N PHE B 70 4.77 7.60 13.27
CA PHE B 70 5.13 6.62 14.28
C PHE B 70 5.41 5.28 13.60
N THR B 71 6.06 4.39 14.33
CA THR B 71 6.31 3.03 13.89
C THR B 71 5.69 2.06 14.89
N PRO B 72 4.83 1.15 14.43
CA PRO B 72 4.10 0.29 15.39
C PRO B 72 5.03 -0.70 16.08
N THR B 73 5.02 -0.66 17.41
CA THR B 73 5.76 -1.58 18.25
C THR B 73 4.76 -2.45 19.01
N GLU B 74 4.91 -3.78 18.90
CA GLU B 74 4.02 -4.70 19.60
C GLU B 74 3.85 -4.33 21.06
N LYS B 75 4.88 -3.78 21.68
CA LYS B 75 4.79 -3.37 23.08
C LYS B 75 4.11 -2.02 23.24
N ASP B 76 4.45 -1.05 22.39
CA ASP B 76 3.91 0.29 22.55
C ASP B 76 2.39 0.28 22.47
N GLU B 77 1.78 1.09 23.34
CA GLU B 77 0.33 1.24 23.44
C GLU B 77 -0.02 2.70 23.17
N TYR B 78 -0.69 2.96 22.05
CA TYR B 78 -1.03 4.31 21.61
C TYR B 78 -2.50 4.61 21.85
N ALA B 79 -2.80 5.84 22.25
CA ALA B 79 -4.16 6.27 22.47
C ALA B 79 -4.30 7.76 22.17
N CYS B 80 -5.53 8.26 22.27
CA CYS B 80 -5.87 9.64 21.98
C CYS B 80 -6.68 10.18 23.14
N ARG B 81 -6.29 11.34 23.66
CA ARG B 81 -6.95 11.95 24.82
C ARG B 81 -7.59 13.26 24.40
N VAL B 82 -8.90 13.36 24.61
CA VAL B 82 -9.69 14.49 24.13
C VAL B 82 -10.34 15.18 25.33
N ASN B 83 -10.27 16.51 25.32
CA ASN B 83 -10.93 17.32 26.33
C ASN B 83 -11.99 18.17 25.63
N HIS B 84 -13.19 18.21 26.20
CA HIS B 84 -14.29 18.93 25.59
C HIS B 84 -15.25 19.37 26.69
N VAL B 85 -16.14 20.30 26.34
CA VAL B 85 -17.11 20.78 27.31
C VAL B 85 -18.02 19.63 27.76
N THR B 86 -18.42 18.76 26.81
CA THR B 86 -19.28 17.64 27.16
C THR B 86 -18.57 16.59 28.00
N LEU B 87 -17.24 16.67 28.14
CA LEU B 87 -16.45 15.69 28.89
C LEU B 87 -16.05 16.30 30.24
N SER B 88 -16.74 15.88 31.31
CA SER B 88 -16.34 16.32 32.65
C SER B 88 -14.89 15.98 32.95
N GLN B 89 -14.34 14.97 32.29
CA GLN B 89 -12.94 14.60 32.41
C GLN B 89 -12.45 14.07 31.09
N PRO B 90 -11.17 14.22 30.77
CA PRO B 90 -10.67 13.82 29.44
C PRO B 90 -11.06 12.38 29.12
N LYS B 91 -11.35 12.15 27.84
CA LYS B 91 -11.72 10.84 27.33
C LYS B 91 -10.55 10.26 26.56
N ILE B 92 -10.10 9.08 26.96
CA ILE B 92 -8.96 8.40 26.36
C ILE B 92 -9.47 7.21 25.57
N VAL B 93 -9.07 7.13 24.30
CA VAL B 93 -9.50 6.07 23.39
C VAL B 93 -8.27 5.27 23.00
N LYS B 94 -8.28 3.98 23.32
CA LYS B 94 -7.18 3.09 22.98
C LYS B 94 -7.12 2.93 21.46
N TRP B 95 -5.92 2.65 20.96
CA TRP B 95 -5.75 2.32 19.54
C TRP B 95 -6.15 0.85 19.37
N ASP B 96 -7.24 0.61 18.62
CA ASP B 96 -7.85 -0.70 18.62
C ASP B 96 -6.94 -1.75 17.99
N ARG B 97 -6.40 -1.47 16.80
CA ARG B 97 -5.37 -2.32 16.21
C ARG B 97 -5.94 -3.70 15.87
N ASP B 98 -7.23 -3.92 16.09
CA ASP B 98 -7.92 -5.16 15.77
C ASP B 98 -7.23 -6.39 16.38
N MET B 99 -6.33 -6.19 17.33
CA MET B 99 -5.66 -7.29 18.02
C MET B 99 -5.11 -8.31 17.02
N SER B 114 -13.32 12.74 -10.93
CA SER B 114 -13.43 11.55 -10.09
C SER B 114 -14.80 11.36 -9.50
N GLU B 115 -15.37 12.44 -8.96
CA GLU B 115 -16.71 12.44 -8.41
C GLU B 115 -17.63 13.22 -9.34
N ARG B 116 -18.79 12.64 -9.65
CA ARG B 116 -19.68 13.27 -10.63
C ARG B 116 -20.30 14.56 -10.12
N THR B 117 -20.70 14.61 -8.85
CA THR B 117 -21.27 15.81 -8.25
C THR B 117 -20.20 16.56 -7.46
N HIS B 118 -20.07 17.85 -7.71
CA HIS B 118 -19.09 18.69 -7.05
C HIS B 118 -19.78 19.83 -6.32
N SER B 119 -19.07 20.40 -5.35
CA SER B 119 -19.64 21.45 -4.51
C SER B 119 -18.58 22.47 -4.13
N LEU B 120 -18.96 23.75 -4.20
CA LEU B 120 -18.20 24.84 -3.61
C LEU B 120 -19.00 25.39 -2.44
N ARG B 121 -18.34 25.63 -1.32
CA ARG B 121 -19.08 26.17 -0.18
C ARG B 121 -18.12 26.88 0.74
N TYR B 122 -18.64 27.91 1.42
CA TYR B 122 -17.84 28.78 2.25
C TYR B 122 -18.50 28.87 3.62
N PHE B 123 -17.70 28.72 4.66
CA PHE B 123 -18.20 28.75 6.03
C PHE B 123 -17.64 29.98 6.72
N ARG B 124 -18.44 30.58 7.59
CA ARG B 124 -18.00 31.63 8.50
C ARG B 124 -18.30 31.16 9.91
N LEU B 125 -17.30 31.22 10.79
CA LEU B 125 -17.45 30.81 12.17
C LEU B 125 -17.07 31.95 13.10
N GLY B 126 -17.95 32.24 14.06
CA GLY B 126 -17.67 33.23 15.08
C GLY B 126 -17.81 32.65 16.48
N VAL B 127 -16.79 32.83 17.31
CA VAL B 127 -16.76 32.32 18.66
C VAL B 127 -16.43 33.47 19.61
N SER B 128 -17.25 33.63 20.66
CA SER B 128 -17.01 34.66 21.65
C SER B 128 -16.17 34.08 22.79
N ASP B 129 -15.03 34.71 23.04
CA ASP B 129 -14.11 34.31 24.11
C ASP B 129 -13.79 32.83 24.14
N PRO B 130 -13.18 32.29 23.09
CA PRO B 130 -12.79 30.87 23.10
C PRO B 130 -11.67 30.62 24.10
N ILE B 131 -11.86 29.62 24.97
CA ILE B 131 -10.87 29.23 25.95
C ILE B 131 -9.49 29.23 25.31
N HIS B 132 -9.34 28.40 24.28
CA HIS B 132 -8.04 28.18 23.67
C HIS B 132 -7.60 29.44 22.92
N GLY B 133 -6.34 29.47 22.53
CA GLY B 133 -5.80 30.56 21.75
C GLY B 133 -6.21 30.56 20.29
N VAL B 134 -7.50 30.35 20.03
CA VAL B 134 -8.00 30.22 18.66
C VAL B 134 -8.75 31.48 18.24
N PRO B 135 -8.80 31.77 16.94
CA PRO B 135 -9.34 33.06 16.49
C PRO B 135 -10.83 33.23 16.77
N GLU B 136 -11.21 34.50 17.01
CA GLU B 136 -12.61 34.85 17.20
C GLU B 136 -13.45 34.67 15.94
N PHE B 137 -12.82 34.71 14.76
CA PHE B 137 -13.53 34.58 13.49
C PHE B 137 -12.66 33.78 12.54
N ILE B 138 -13.28 32.82 11.86
CA ILE B 138 -12.61 31.99 10.87
C ILE B 138 -13.56 31.81 9.70
N SER B 139 -13.00 31.82 8.49
CA SER B 139 -13.78 31.59 7.27
C SER B 139 -12.95 30.75 6.32
N VAL B 140 -13.50 29.62 5.90
CA VAL B 140 -12.80 28.68 5.03
C VAL B 140 -13.69 28.34 3.84
N GLY B 141 -13.08 28.20 2.68
CA GLY B 141 -13.76 27.73 1.49
C GLY B 141 -13.33 26.31 1.19
N TYR B 142 -14.24 25.52 0.63
CA TYR B 142 -14.00 24.12 0.33
C TYR B 142 -14.56 23.82 -1.04
N VAL B 143 -13.78 23.09 -1.83
CA VAL B 143 -14.26 22.49 -3.07
C VAL B 143 -14.24 20.98 -2.88
N ASP B 144 -15.43 20.40 -2.75
CA ASP B 144 -15.58 18.95 -2.62
C ASP B 144 -14.74 18.40 -1.46
N SER B 145 -14.88 19.04 -0.30
CA SER B 145 -14.15 18.65 0.89
C SER B 145 -12.63 18.82 0.73
N HIS B 146 -12.21 19.70 -0.17
CA HIS B 146 -10.82 20.13 -0.26
C HIS B 146 -10.75 21.60 0.14
N PRO B 147 -10.11 21.95 1.25
CA PRO B 147 -10.03 23.38 1.61
C PRO B 147 -9.20 24.14 0.58
N ILE B 148 -9.85 25.10 -0.08
CA ILE B 148 -9.19 25.89 -1.12
C ILE B 148 -8.57 27.16 -0.55
N THR B 149 -9.25 27.83 0.39
CA THR B 149 -8.73 29.06 0.97
C THR B 149 -9.23 29.19 2.41
N THR B 150 -8.49 29.98 3.20
CA THR B 150 -8.82 30.21 4.60
C THR B 150 -8.53 31.65 4.99
N TYR B 151 -9.35 32.16 5.91
CA TYR B 151 -9.16 33.46 6.54
C TYR B 151 -9.54 33.37 8.01
N ASP B 152 -8.80 34.08 8.86
CA ASP B 152 -9.10 34.12 10.28
C ASP B 152 -8.80 35.50 10.85
N SER B 153 -9.33 35.75 12.05
CA SER B 153 -9.26 37.06 12.68
C SER B 153 -7.85 37.40 13.17
N VAL B 154 -7.06 36.39 13.55
CA VAL B 154 -5.69 36.64 13.98
C VAL B 154 -4.83 37.04 12.79
N THR B 155 -4.99 36.33 11.67
CA THR B 155 -4.19 36.62 10.48
C THR B 155 -4.65 37.91 9.81
N ARG B 156 -5.97 38.12 9.73
CA ARG B 156 -6.54 39.28 9.04
C ARG B 156 -6.21 39.28 7.55
N GLN B 157 -5.83 38.11 7.01
CA GLN B 157 -5.47 37.97 5.61
C GLN B 157 -6.07 36.68 5.07
N LYS B 158 -6.50 36.71 3.80
CA LYS B 158 -7.06 35.53 3.14
C LYS B 158 -5.90 34.92 2.40
N GLU B 159 -5.70 33.62 2.59
CA GLU B 159 -4.58 32.92 1.98
C GLU B 159 -5.03 31.62 1.33
N PRO B 160 -4.37 31.19 0.27
CA PRO B 160 -4.71 29.91 -0.36
C PRO B 160 -4.34 28.73 0.53
N ARG B 161 -5.26 27.77 0.62
CA ARG B 161 -4.99 26.52 1.32
C ARG B 161 -4.61 25.39 0.38
N ALA B 162 -4.71 25.60 -0.93
CA ALA B 162 -4.29 24.64 -1.94
C ALA B 162 -3.33 25.34 -2.90
N PRO B 163 -2.36 24.60 -3.46
CA PRO B 163 -1.41 25.26 -4.38
C PRO B 163 -2.04 25.66 -5.69
N TRP B 164 -2.89 24.81 -6.27
CA TRP B 164 -3.55 25.16 -7.53
C TRP B 164 -4.46 26.37 -7.38
N MET B 165 -4.85 26.70 -6.16
CA MET B 165 -5.60 27.92 -5.90
C MET B 165 -4.67 29.12 -5.82
N ALA B 166 -3.39 28.86 -5.56
CA ALA B 166 -2.38 29.91 -5.49
C ALA B 166 -1.59 30.04 -6.77
N GLU B 167 -1.74 29.10 -7.70
CA GLU B 167 -1.02 29.08 -8.97
C GLU B 167 -1.89 29.55 -10.12
N ASN B 168 -3.12 29.98 -9.83
CA ASN B 168 -4.06 30.42 -10.86
C ASN B 168 -4.77 31.71 -10.46
N LEU B 169 -4.47 32.28 -9.30
CA LEU B 169 -5.18 33.42 -8.75
C LEU B 169 -4.26 34.62 -8.62
N ALA B 170 -4.70 35.76 -9.18
CA ALA B 170 -3.89 36.97 -9.15
C ALA B 170 -3.70 37.47 -7.72
N PRO B 171 -2.56 38.11 -7.42
CA PRO B 171 -2.40 38.71 -6.09
C PRO B 171 -3.42 39.80 -5.82
N ASP B 172 -3.82 40.54 -6.85
CA ASP B 172 -4.82 41.58 -6.69
C ASP B 172 -6.14 40.98 -6.21
N HIS B 173 -6.45 39.77 -6.67
CA HIS B 173 -7.68 39.10 -6.25
C HIS B 173 -7.69 38.83 -4.75
N TRP B 174 -6.55 38.44 -4.19
CA TRP B 174 -6.48 38.20 -2.75
C TRP B 174 -6.67 39.49 -1.96
N GLU B 175 -6.14 40.60 -2.45
CA GLU B 175 -6.31 41.87 -1.75
C GLU B 175 -7.78 42.26 -1.71
N ARG B 176 -8.48 42.15 -2.85
CA ARG B 176 -9.88 42.56 -2.90
C ARG B 176 -10.72 41.81 -1.87
N TYR B 177 -10.52 40.51 -1.75
CA TYR B 177 -11.37 39.69 -0.89
C TYR B 177 -10.95 39.68 0.57
N THR B 178 -9.69 40.03 0.88
CA THR B 178 -9.35 40.28 2.28
C THR B 178 -10.14 41.47 2.81
N GLN B 179 -10.42 42.46 1.96
CA GLN B 179 -11.20 43.61 2.39
C GLN B 179 -12.65 43.21 2.65
N LEU B 180 -13.20 42.31 1.85
CA LEU B 180 -14.56 41.82 2.11
C LEU B 180 -14.62 41.04 3.41
N LEU B 181 -13.60 40.21 3.69
CA LEU B 181 -13.62 39.36 4.87
C LEU B 181 -13.35 40.16 6.14
N ARG B 182 -12.61 41.26 6.03
CA ARG B 182 -12.43 42.12 7.21
C ARG B 182 -13.73 42.80 7.58
N GLY B 183 -14.55 43.16 6.59
CA GLY B 183 -15.86 43.70 6.88
C GLY B 183 -16.79 42.61 7.42
N TRP B 184 -16.79 41.45 6.77
CA TRP B 184 -17.64 40.35 7.22
C TRP B 184 -17.32 39.94 8.65
N GLN B 185 -16.03 39.93 9.00
CA GLN B 185 -15.66 39.60 10.38
C GLN B 185 -16.32 40.57 11.35
N GLN B 186 -16.18 41.86 11.11
CA GLN B 186 -16.78 42.85 12.00
C GLN B 186 -18.29 42.66 12.06
N MET B 187 -18.92 42.38 10.92
CA MET B 187 -20.35 42.12 10.89
C MET B 187 -20.71 40.95 11.80
N PHE B 188 -19.90 39.88 11.77
CA PHE B 188 -20.16 38.72 12.60
C PHE B 188 -20.00 39.04 14.08
N LYS B 189 -18.97 39.83 14.42
CA LYS B 189 -18.80 40.21 15.81
C LYS B 189 -20.01 40.99 16.31
N VAL B 190 -20.51 41.94 15.50
CA VAL B 190 -21.65 42.75 15.93
C VAL B 190 -22.91 41.91 16.03
N GLU B 191 -23.22 41.13 15.00
CA GLU B 191 -24.44 40.33 15.01
C GLU B 191 -24.44 39.33 16.15
N LEU B 192 -23.28 38.78 16.50
CA LEU B 192 -23.23 37.81 17.59
C LEU B 192 -23.50 38.47 18.93
N LYS B 193 -22.97 39.67 19.15
CA LYS B 193 -23.29 40.39 20.38
C LYS B 193 -24.78 40.64 20.45
N ARG B 194 -25.37 41.09 19.32
CA ARG B 194 -26.80 41.30 19.25
C ARG B 194 -27.58 40.07 19.65
N LEU B 195 -27.14 38.88 19.19
CA LEU B 195 -27.88 37.66 19.47
C LEU B 195 -27.77 37.28 20.95
N GLN B 196 -26.59 37.50 21.55
CA GLN B 196 -26.42 37.17 22.96
C GLN B 196 -27.27 38.07 23.85
N ARG B 197 -27.31 39.37 23.54
CA ARG B 197 -28.19 40.27 24.27
C ARG B 197 -29.65 39.84 24.10
N HIS B 198 -30.07 39.56 22.87
CA HIS B 198 -31.45 39.16 22.62
C HIS B 198 -31.82 37.91 23.41
N TYR B 199 -30.91 36.96 23.49
CA TYR B 199 -31.12 35.73 24.25
C TYR B 199 -30.67 35.87 25.70
N ASN B 200 -30.07 37.00 26.07
CA ASN B 200 -29.55 37.20 27.43
C ASN B 200 -28.56 36.09 27.78
N HIS B 201 -27.67 35.79 26.83
CA HIS B 201 -26.69 34.73 26.98
C HIS B 201 -25.34 35.30 27.40
N SER B 202 -24.67 34.58 28.29
CA SER B 202 -23.36 34.95 28.78
C SER B 202 -22.36 33.83 28.47
N GLY B 203 -21.10 34.20 28.36
CA GLY B 203 -20.07 33.24 28.05
C GLY B 203 -19.92 33.04 26.55
N SER B 204 -19.29 31.93 26.20
CA SER B 204 -18.95 31.65 24.81
C SER B 204 -20.17 31.10 24.07
N HIS B 205 -20.44 31.68 22.91
CA HIS B 205 -21.47 31.19 22.00
C HIS B 205 -20.91 31.25 20.59
N THR B 206 -21.47 30.43 19.71
CA THR B 206 -20.96 30.33 18.35
C THR B 206 -22.01 30.84 17.37
N TYR B 207 -21.52 31.52 16.34
CA TYR B 207 -22.29 31.99 15.20
C TYR B 207 -21.70 31.32 13.97
N GLN B 208 -22.56 30.85 13.07
CA GLN B 208 -22.08 30.14 11.89
C GLN B 208 -22.87 30.59 10.68
N ARG B 209 -22.18 30.63 9.53
CA ARG B 209 -22.79 30.90 8.24
C ARG B 209 -22.19 29.92 7.25
N MET B 210 -23.02 29.41 6.34
CA MET B 210 -22.58 28.47 5.34
C MET B 210 -23.32 28.79 4.05
N ILE B 211 -22.56 29.02 2.98
CA ILE B 211 -23.10 29.26 1.64
C ILE B 211 -22.40 28.30 0.70
N GLY B 212 -23.13 27.83 -0.32
CA GLY B 212 -22.52 26.93 -1.27
C GLY B 212 -23.46 26.58 -2.41
N CYS B 213 -22.89 25.88 -3.39
CA CYS B 213 -23.60 25.43 -4.56
C CYS B 213 -23.09 24.05 -4.94
N GLU B 214 -23.96 23.27 -5.59
CA GLU B 214 -23.64 21.92 -6.03
C GLU B 214 -23.88 21.80 -7.52
N LEU B 215 -22.93 21.19 -8.24
CA LEU B 215 -23.05 20.90 -9.66
C LEU B 215 -23.21 19.40 -9.85
N LEU B 216 -24.41 18.96 -10.24
CA LEU B 216 -24.71 17.55 -10.40
C LEU B 216 -24.26 17.04 -11.76
N GLU B 217 -24.24 15.71 -11.89
CA GLU B 217 -23.73 15.07 -13.09
C GLU B 217 -24.54 15.49 -14.32
N ASP B 218 -25.86 15.64 -14.16
CA ASP B 218 -26.72 15.95 -15.29
C ASP B 218 -26.66 17.42 -15.70
N GLY B 219 -25.98 18.26 -14.93
CA GLY B 219 -25.85 19.67 -15.24
C GLY B 219 -26.73 20.57 -14.41
N SER B 220 -27.67 20.01 -13.65
CA SER B 220 -28.47 20.80 -12.74
C SER B 220 -27.63 21.31 -11.58
N THR B 221 -28.08 22.37 -10.94
CA THR B 221 -27.35 23.00 -9.86
C THR B 221 -28.26 23.19 -8.65
N THR B 222 -27.65 23.24 -7.48
CA THR B 222 -28.33 23.45 -6.21
C THR B 222 -27.57 24.52 -5.45
N GLY B 223 -28.29 25.22 -4.58
CA GLY B 223 -27.68 26.27 -3.77
C GLY B 223 -28.34 26.34 -2.42
N PHE B 224 -27.58 26.88 -1.46
CA PHE B 224 -28.07 26.96 -0.09
C PHE B 224 -27.30 28.02 0.66
N LEU B 225 -28.00 28.77 1.51
CA LEU B 225 -27.39 29.76 2.37
C LEU B 225 -28.06 29.66 3.73
N GLN B 226 -27.25 29.56 4.80
CA GLN B 226 -27.79 29.24 6.11
C GLN B 226 -26.97 29.85 7.23
N TYR B 227 -27.64 30.04 8.37
CA TYR B 227 -27.05 30.56 9.59
C TYR B 227 -27.41 29.65 10.75
N ALA B 228 -26.49 29.50 11.70
CA ALA B 228 -26.75 28.73 12.90
C ALA B 228 -26.26 29.48 14.13
N TYR B 229 -27.05 29.44 15.20
CA TYR B 229 -26.67 29.98 16.49
C TYR B 229 -26.50 28.81 17.45
N ASP B 230 -25.33 28.73 18.08
CA ASP B 230 -24.96 27.60 18.92
C ASP B 230 -25.28 26.28 18.23
N GLY B 231 -24.78 26.12 17.00
CA GLY B 231 -24.89 24.86 16.30
C GLY B 231 -26.30 24.43 15.94
N GLN B 232 -27.28 25.32 16.06
CA GLN B 232 -28.66 25.03 15.72
C GLN B 232 -29.10 25.97 14.60
N ASP B 233 -29.82 25.42 13.62
CA ASP B 233 -30.31 26.22 12.49
C ASP B 233 -31.03 27.47 12.98
N PHE B 234 -30.64 28.61 12.44
CA PHE B 234 -31.13 29.91 12.88
C PHE B 234 -31.88 30.62 11.77
N LEU B 235 -31.24 30.84 10.62
CA LEU B 235 -31.88 31.49 9.48
C LEU B 235 -31.51 30.71 8.23
N ILE B 236 -32.51 30.36 7.44
CA ILE B 236 -32.34 29.59 6.21
C ILE B 236 -32.88 30.43 5.06
N PHE B 237 -32.01 30.74 4.09
CA PHE B 237 -32.44 31.51 2.93
C PHE B 237 -33.11 30.61 1.91
N ASN B 238 -34.29 31.01 1.46
CA ASN B 238 -34.96 30.38 0.33
C ASN B 238 -34.76 31.28 -0.88
N LYS B 239 -33.94 30.82 -1.83
CA LYS B 239 -33.66 31.63 -3.01
C LYS B 239 -34.79 31.58 -4.05
N ASP B 240 -35.71 30.62 -3.92
CA ASP B 240 -36.86 30.57 -4.82
C ASP B 240 -37.91 31.62 -4.49
N THR B 241 -38.06 31.97 -3.22
CA THR B 241 -38.99 33.02 -2.80
C THR B 241 -38.25 34.24 -2.27
N LEU B 242 -36.93 34.26 -2.39
CA LEU B 242 -36.09 35.33 -1.86
C LEU B 242 -36.54 35.70 -0.45
N SER B 243 -36.75 34.68 0.37
CA SER B 243 -37.15 34.85 1.75
C SER B 243 -36.14 34.20 2.69
N TRP B 244 -36.03 34.78 3.87
CA TRP B 244 -35.26 34.22 4.97
C TRP B 244 -36.23 33.56 5.94
N LEU B 245 -36.07 32.25 6.16
CA LEU B 245 -36.90 31.54 7.13
C LEU B 245 -36.24 31.61 8.49
N ALA B 246 -37.01 32.01 9.50
CA ALA B 246 -36.50 32.24 10.85
C ALA B 246 -37.09 31.21 11.80
N VAL B 247 -36.24 30.62 12.64
CA VAL B 247 -36.70 29.64 13.63
C VAL B 247 -37.33 30.34 14.83
N ASP B 248 -36.76 31.46 15.28
CA ASP B 248 -37.19 32.14 16.48
C ASP B 248 -37.61 33.57 16.19
N ASN B 249 -38.20 34.19 17.22
CA ASN B 249 -38.53 35.61 17.14
C ASN B 249 -37.27 36.47 17.06
N VAL B 250 -36.19 36.06 17.72
CA VAL B 250 -34.93 36.78 17.55
C VAL B 250 -34.48 36.69 16.10
N ALA B 251 -34.50 35.47 15.54
CA ALA B 251 -34.17 35.29 14.13
C ALA B 251 -35.13 36.06 13.25
N HIS B 252 -36.41 36.11 13.64
CA HIS B 252 -37.36 36.92 12.89
C HIS B 252 -36.96 38.38 12.89
N THR B 253 -36.55 38.91 14.05
CA THR B 253 -36.12 40.30 14.11
C THR B 253 -34.95 40.55 13.15
N ILE B 254 -33.98 39.63 13.12
CA ILE B 254 -32.86 39.78 12.20
C ILE B 254 -33.34 39.61 10.76
N LYS B 255 -34.23 38.63 10.52
CA LYS B 255 -34.79 38.43 9.20
C LYS B 255 -35.38 39.71 8.63
N GLN B 256 -36.17 40.44 9.43
CA GLN B 256 -36.85 41.62 8.93
C GLN B 256 -35.85 42.69 8.50
N ALA B 257 -34.82 42.93 9.31
CA ALA B 257 -33.79 43.88 8.93
C ALA B 257 -33.17 43.51 7.59
N TRP B 258 -32.85 42.23 7.39
CA TRP B 258 -32.18 41.80 6.17
C TRP B 258 -33.10 41.84 4.96
N GLU B 259 -34.37 41.49 5.15
CA GLU B 259 -35.30 41.44 4.02
C GLU B 259 -35.68 42.82 3.52
N ALA B 260 -35.31 43.87 4.26
CA ALA B 260 -35.54 45.23 3.79
C ALA B 260 -34.73 45.52 2.53
N ASN B 261 -33.47 45.07 2.50
CA ASN B 261 -32.58 45.33 1.38
C ASN B 261 -32.81 44.28 0.29
N GLN B 262 -33.83 44.55 -0.54
CA GLN B 262 -34.21 43.62 -1.60
C GLN B 262 -33.06 43.39 -2.57
N HIS B 263 -32.20 44.39 -2.78
CA HIS B 263 -31.07 44.21 -3.69
C HIS B 263 -30.18 43.08 -3.20
N GLU B 264 -29.92 43.03 -1.89
CA GLU B 264 -29.09 41.98 -1.31
C GLU B 264 -29.67 40.60 -1.60
N LEU B 265 -30.99 40.45 -1.41
CA LEU B 265 -31.61 39.14 -1.61
C LEU B 265 -31.44 38.66 -3.03
N LEU B 266 -31.65 39.54 -4.01
CA LEU B 266 -31.49 39.12 -5.40
C LEU B 266 -30.06 38.71 -5.68
N TYR B 267 -29.10 39.38 -5.05
CA TYR B 267 -27.70 39.01 -5.22
C TYR B 267 -27.43 37.61 -4.70
N GLN B 268 -28.01 37.25 -3.55
CA GLN B 268 -27.85 35.91 -3.02
C GLN B 268 -28.31 34.86 -4.03
N LYS B 269 -29.51 35.03 -4.58
CA LYS B 269 -30.01 34.08 -5.57
C LYS B 269 -29.08 34.01 -6.78
N ASN B 270 -28.62 35.16 -7.28
CA ASN B 270 -27.77 35.13 -8.47
C ASN B 270 -26.40 34.55 -8.17
N TRP B 271 -25.84 34.88 -7.01
CA TRP B 271 -24.53 34.33 -6.65
C TRP B 271 -24.60 32.81 -6.55
N LEU B 272 -25.66 32.28 -5.93
CA LEU B 272 -25.77 30.84 -5.78
C LEU B 272 -25.93 30.15 -7.13
N GLU B 273 -26.84 30.65 -7.97
CA GLU B 273 -27.18 29.99 -9.22
C GLU B 273 -26.19 30.27 -10.35
N GLU B 274 -25.44 31.37 -10.27
CA GLU B 274 -24.56 31.74 -11.37
C GLU B 274 -23.10 31.87 -10.92
N GLU B 275 -22.77 32.95 -10.21
CA GLU B 275 -21.37 33.19 -9.86
C GLU B 275 -20.75 32.00 -9.13
N CYS B 276 -21.53 31.34 -8.26
CA CYS B 276 -20.98 30.23 -7.47
C CYS B 276 -20.62 29.05 -8.36
N ILE B 277 -21.49 28.70 -9.32
CA ILE B 277 -21.18 27.59 -10.21
C ILE B 277 -20.04 27.95 -11.13
N ALA B 278 -19.96 29.21 -11.56
CA ALA B 278 -18.83 29.65 -12.36
C ALA B 278 -17.53 29.55 -11.58
N TRP B 279 -17.54 30.08 -10.35
CA TRP B 279 -16.38 29.90 -9.47
C TRP B 279 -15.99 28.43 -9.37
N LEU B 280 -16.98 27.55 -9.14
CA LEU B 280 -16.70 26.13 -8.95
C LEU B 280 -16.09 25.51 -10.18
N LYS B 281 -16.68 25.74 -11.35
CA LYS B 281 -16.13 25.20 -12.59
C LYS B 281 -14.70 25.68 -12.80
N ARG B 282 -14.45 26.98 -12.58
CA ARG B 282 -13.10 27.52 -12.65
C ARG B 282 -12.16 26.76 -11.73
N PHE B 283 -12.60 26.49 -10.49
CA PHE B 283 -11.74 25.79 -9.54
C PHE B 283 -11.52 24.33 -9.95
N LEU B 284 -12.58 23.67 -10.41
CA LEU B 284 -12.46 22.27 -10.79
C LEU B 284 -11.45 22.06 -11.91
N GLU B 285 -11.17 23.10 -12.70
CA GLU B 285 -10.09 23.05 -13.67
C GLU B 285 -8.76 23.43 -13.03
N TYR B 286 -8.72 24.55 -12.29
CA TYR B 286 -7.49 24.93 -11.62
C TYR B 286 -6.91 23.76 -10.83
N GLY B 287 -7.76 22.97 -10.19
CA GLY B 287 -7.33 21.86 -9.37
C GLY B 287 -7.74 20.51 -9.93
N LYS B 288 -7.92 20.47 -11.26
CA LYS B 288 -8.32 19.24 -11.92
C LYS B 288 -7.41 18.07 -11.56
N ASP B 289 -6.13 18.35 -11.34
CA ASP B 289 -5.17 17.28 -11.06
C ASP B 289 -5.57 16.49 -9.82
N THR B 290 -5.98 17.17 -8.75
CA THR B 290 -6.34 16.51 -7.50
C THR B 290 -7.84 16.28 -7.38
N LEU B 291 -8.66 17.21 -7.90
CA LEU B 291 -10.09 17.14 -7.68
C LEU B 291 -10.74 16.06 -8.54
N GLN B 292 -10.34 15.96 -9.81
CA GLN B 292 -10.91 14.96 -10.71
C GLN B 292 -10.14 13.64 -10.76
N ARG B 293 -8.94 13.57 -10.19
CA ARG B 293 -8.22 12.31 -10.19
C ARG B 293 -8.99 11.26 -9.37
N THR B 294 -8.91 10.01 -9.81
CA THR B 294 -9.56 8.88 -9.16
C THR B 294 -8.52 7.83 -8.79
N GLU B 295 -8.44 7.53 -7.50
CA GLU B 295 -7.55 6.48 -7.01
C GLU B 295 -8.37 5.26 -6.64
N PRO B 296 -8.17 4.11 -7.29
CA PRO B 296 -9.04 2.96 -7.01
C PRO B 296 -8.76 2.38 -5.65
N PRO B 297 -9.73 1.71 -5.03
CA PRO B 297 -9.52 1.13 -3.70
C PRO B 297 -8.76 -0.19 -3.75
N LEU B 298 -7.99 -0.42 -2.67
CA LEU B 298 -7.25 -1.67 -2.49
C LEU B 298 -7.93 -2.46 -1.39
N VAL B 299 -8.45 -3.64 -1.71
CA VAL B 299 -9.29 -4.42 -0.80
C VAL B 299 -8.64 -5.76 -0.49
N ARG B 300 -8.57 -6.09 0.81
CA ARG B 300 -8.13 -7.38 1.30
C ARG B 300 -9.20 -7.96 2.23
N VAL B 301 -9.35 -9.27 2.20
CA VAL B 301 -10.25 -9.96 3.13
C VAL B 301 -9.40 -10.54 4.25
N ASN B 302 -9.74 -10.21 5.49
CA ASN B 302 -9.05 -10.74 6.66
C ASN B 302 -9.99 -11.62 7.48
N ARG B 303 -9.42 -12.58 8.18
CA ARG B 303 -10.19 -13.47 9.06
C ARG B 303 -9.63 -13.35 10.47
N LYS B 304 -10.49 -12.94 11.41
CA LYS B 304 -10.12 -12.72 12.81
C LYS B 304 -11.15 -13.35 13.74
N GLU B 305 -10.65 -14.11 14.73
CA GLU B 305 -11.48 -14.72 15.78
C GLU B 305 -10.90 -14.43 17.16
N THR B 306 -11.41 -13.39 17.84
CA THR B 306 -10.91 -13.06 19.16
C THR B 306 -11.26 -14.16 20.19
N PHE B 307 -12.48 -14.67 20.14
CA PHE B 307 -12.98 -15.69 21.05
C PHE B 307 -13.50 -16.88 20.26
N PRO B 308 -13.64 -18.04 20.89
CA PRO B 308 -14.16 -19.21 20.17
C PRO B 308 -15.55 -18.95 19.65
N GLY B 309 -15.78 -19.28 18.37
CA GLY B 309 -17.06 -19.02 17.76
C GLY B 309 -17.28 -17.58 17.33
N VAL B 310 -16.22 -16.80 17.15
CA VAL B 310 -16.35 -15.41 16.75
C VAL B 310 -15.55 -15.19 15.46
N THR B 311 -15.41 -16.24 14.65
CA THR B 311 -14.71 -16.08 13.37
C THR B 311 -15.42 -15.04 12.53
N ALA B 312 -14.65 -14.11 11.95
CA ALA B 312 -15.22 -12.99 11.20
C ALA B 312 -14.37 -12.68 9.97
N LEU B 313 -15.04 -12.22 8.92
CA LEU B 313 -14.39 -11.79 7.69
C LEU B 313 -14.53 -10.28 7.56
N PHE B 314 -13.41 -9.60 7.28
CA PHE B 314 -13.39 -8.14 7.17
C PHE B 314 -12.94 -7.77 5.76
N CYS B 315 -13.84 -7.18 4.98
CA CYS B 315 -13.50 -6.59 3.70
C CYS B 315 -13.04 -5.16 3.95
N LYS B 316 -11.74 -4.90 3.80
CA LYS B 316 -11.13 -3.64 4.18
C LYS B 316 -10.58 -2.95 2.95
N ALA B 317 -11.02 -1.72 2.70
CA ALA B 317 -10.59 -0.92 1.57
C ALA B 317 -9.82 0.32 2.04
N HIS B 318 -8.77 0.67 1.30
CA HIS B 318 -7.97 1.84 1.67
C HIS B 318 -7.39 2.50 0.42
N GLY B 319 -6.96 3.75 0.61
CA GLY B 319 -6.27 4.47 -0.43
C GLY B 319 -7.11 4.88 -1.62
N PHE B 320 -8.41 5.05 -1.44
CA PHE B 320 -9.29 5.41 -2.55
C PHE B 320 -9.72 6.85 -2.46
N TYR B 321 -10.21 7.36 -3.61
CA TYR B 321 -10.70 8.72 -3.76
C TYR B 321 -11.52 8.74 -5.04
N PRO B 322 -12.71 9.36 -5.05
CA PRO B 322 -13.34 10.09 -3.95
C PRO B 322 -13.88 9.17 -2.85
N PRO B 323 -14.15 9.72 -1.67
CA PRO B 323 -14.58 8.87 -0.54
C PRO B 323 -15.88 8.10 -0.76
N GLU B 324 -16.66 8.42 -1.79
CA GLU B 324 -17.92 7.71 -2.01
C GLU B 324 -17.62 6.28 -2.42
N ILE B 325 -18.00 5.32 -1.58
CA ILE B 325 -17.74 3.90 -1.82
C ILE B 325 -18.92 3.08 -1.33
N TYR B 326 -19.02 1.86 -1.86
CA TYR B 326 -20.08 0.92 -1.48
C TYR B 326 -19.50 -0.47 -1.32
N MET B 327 -19.69 -1.06 -0.12
CA MET B 327 -19.18 -2.38 0.21
C MET B 327 -20.32 -3.23 0.75
N THR B 328 -20.32 -4.52 0.40
CA THR B 328 -21.39 -5.42 0.82
C THR B 328 -20.88 -6.86 0.81
N TRP B 329 -21.63 -7.73 1.47
CA TRP B 329 -21.32 -9.15 1.55
C TRP B 329 -22.48 -9.95 0.97
N MET B 330 -22.16 -10.98 0.17
CA MET B 330 -23.15 -11.83 -0.47
C MET B 330 -22.83 -13.28 -0.15
N LYS B 331 -23.73 -13.94 0.58
CA LYS B 331 -23.61 -15.35 0.90
C LYS B 331 -24.06 -16.20 -0.28
N ASN B 332 -23.19 -17.12 -0.71
CA ASN B 332 -23.41 -18.01 -1.84
C ASN B 332 -23.47 -17.27 -3.16
N GLY B 333 -23.13 -15.99 -3.19
CA GLY B 333 -23.19 -15.24 -4.42
C GLY B 333 -24.59 -15.04 -4.96
N GLU B 334 -25.60 -15.12 -4.10
CA GLU B 334 -26.99 -14.92 -4.51
C GLU B 334 -27.68 -13.81 -3.75
N GLU B 335 -27.59 -13.79 -2.42
CA GLU B 335 -28.31 -12.81 -1.61
C GLU B 335 -27.36 -12.09 -0.67
N ILE B 336 -27.73 -10.85 -0.32
CA ILE B 336 -26.92 -10.06 0.59
C ILE B 336 -27.05 -10.62 2.00
N VAL B 337 -26.02 -10.43 2.81
CA VAL B 337 -26.07 -10.83 4.20
C VAL B 337 -26.87 -9.80 4.99
N GLN B 338 -27.72 -10.28 5.89
CA GLN B 338 -28.57 -9.41 6.70
C GLN B 338 -28.03 -9.22 8.11
N GLU B 339 -26.70 -9.26 8.26
CA GLU B 339 -26.03 -9.12 9.55
C GLU B 339 -24.71 -8.37 9.40
N ILE B 340 -24.64 -7.46 8.43
CA ILE B 340 -23.37 -6.85 8.04
C ILE B 340 -23.10 -5.62 8.92
N ASP B 341 -22.02 -5.68 9.68
CA ASP B 341 -21.49 -4.50 10.36
C ASP B 341 -20.66 -3.68 9.39
N TYR B 342 -20.58 -2.37 9.65
CA TYR B 342 -19.92 -1.45 8.74
C TYR B 342 -18.93 -0.57 9.50
N GLY B 343 -17.95 -0.07 8.76
CA GLY B 343 -16.95 0.85 9.29
C GLY B 343 -17.07 2.21 8.61
N ASP B 344 -16.83 3.27 9.38
CA ASP B 344 -16.90 4.61 8.83
C ASP B 344 -15.85 4.82 7.75
N ILE B 345 -16.23 5.53 6.70
CA ILE B 345 -15.28 6.03 5.71
C ILE B 345 -14.45 7.13 6.37
N LEU B 346 -13.16 6.89 6.51
CA LEU B 346 -12.30 7.78 7.27
C LEU B 346 -11.23 8.40 6.39
N PRO B 347 -10.85 9.65 6.64
CA PRO B 347 -9.70 10.24 5.94
C PRO B 347 -8.40 9.63 6.48
N SER B 348 -7.62 9.05 5.57
CA SER B 348 -6.36 8.44 5.98
C SER B 348 -5.27 9.47 6.27
N GLY B 349 -5.38 10.67 5.73
CA GLY B 349 -4.43 11.73 5.98
C GLY B 349 -3.64 12.16 4.76
N ASP B 350 -3.62 11.34 3.71
CA ASP B 350 -2.90 11.63 2.48
C ASP B 350 -3.83 11.95 1.33
N GLY B 351 -5.05 12.38 1.62
CA GLY B 351 -6.04 12.65 0.60
C GLY B 351 -6.86 11.45 0.16
N THR B 352 -6.60 10.27 0.72
CA THR B 352 -7.36 9.07 0.39
C THR B 352 -8.13 8.61 1.62
N TYR B 353 -8.97 7.60 1.42
CA TYR B 353 -9.96 7.21 2.41
C TYR B 353 -9.98 5.70 2.56
N GLN B 354 -10.43 5.25 3.73
CA GLN B 354 -10.46 3.83 4.07
C GLN B 354 -11.78 3.49 4.75
N ALA B 355 -12.15 2.21 4.69
CA ALA B 355 -13.41 1.72 5.23
C ALA B 355 -13.34 0.20 5.32
N TRP B 356 -14.36 -0.40 5.94
CA TRP B 356 -14.35 -1.85 6.11
C TRP B 356 -15.79 -2.36 6.27
N ALA B 357 -15.94 -3.67 6.09
CA ALA B 357 -17.24 -4.34 6.23
C ALA B 357 -17.01 -5.74 6.77
N SER B 358 -17.55 -6.02 7.96
CA SER B 358 -17.34 -7.30 8.63
C SER B 358 -18.66 -8.02 8.82
N ILE B 359 -18.69 -9.31 8.48
CA ILE B 359 -19.86 -10.15 8.70
C ILE B 359 -19.43 -11.32 9.56
N GLU B 360 -20.34 -11.81 10.39
CA GLU B 360 -20.01 -12.88 11.32
C GLU B 360 -19.97 -14.20 10.55
N LEU B 361 -18.81 -14.85 10.60
CA LEU B 361 -18.63 -16.13 9.85
C LEU B 361 -19.48 -17.23 10.48
N ASP B 362 -19.91 -18.20 9.68
CA ASP B 362 -20.75 -19.31 10.19
C ASP B 362 -19.98 -20.63 10.12
N PRO B 363 -19.76 -21.34 11.25
CA PRO B 363 -19.10 -22.64 11.22
C PRO B 363 -19.98 -23.62 10.42
N GLN B 364 -21.22 -23.26 10.17
CA GLN B 364 -22.12 -24.17 9.48
C GLN B 364 -21.59 -24.41 8.08
N SER B 365 -22.35 -25.15 7.26
CA SER B 365 -21.91 -25.41 5.90
C SER B 365 -21.78 -24.02 5.34
N SER B 366 -20.58 -23.72 4.88
CA SER B 366 -20.31 -22.37 4.47
C SER B 366 -21.18 -21.97 3.32
N ASN B 367 -21.78 -20.81 3.46
CA ASN B 367 -22.58 -20.29 2.36
C ASN B 367 -21.72 -19.70 1.25
N LEU B 368 -20.41 -19.88 1.32
CA LEU B 368 -19.46 -19.32 0.35
C LEU B 368 -19.66 -17.80 0.24
N TYR B 369 -19.51 -17.14 1.38
CA TYR B 369 -19.67 -15.69 1.43
C TYR B 369 -18.65 -15.01 0.51
N SER B 370 -18.98 -13.80 0.08
CA SER B 370 -18.13 -13.03 -0.81
C SER B 370 -18.34 -11.55 -0.54
N CYS B 371 -17.34 -10.76 -0.92
CA CYS B 371 -17.39 -9.30 -0.77
C CYS B 371 -17.53 -8.64 -2.12
N HIS B 372 -18.37 -7.60 -2.18
CA HIS B 372 -18.58 -6.83 -3.40
C HIS B 372 -18.33 -5.37 -3.06
N VAL B 373 -17.41 -4.74 -3.78
CA VAL B 373 -17.01 -3.37 -3.54
C VAL B 373 -17.15 -2.60 -4.84
N GLU B 374 -17.83 -1.46 -4.79
CA GLU B 374 -18.03 -0.59 -5.95
C GLU B 374 -17.43 0.77 -5.64
N HIS B 375 -16.59 1.24 -6.56
CA HIS B 375 -16.02 2.58 -6.44
C HIS B 375 -15.81 3.16 -7.82
N CYS B 376 -16.49 4.25 -8.14
CA CYS B 376 -16.34 4.93 -9.41
C CYS B 376 -16.50 4.06 -10.65
N GLY B 377 -17.48 3.18 -10.63
CA GLY B 377 -17.76 2.30 -11.75
C GLY B 377 -17.00 1.00 -11.73
N VAL B 378 -15.98 0.92 -10.87
CA VAL B 378 -15.23 -0.31 -10.70
C VAL B 378 -16.00 -1.22 -9.76
N HIS B 379 -16.16 -2.49 -10.15
CA HIS B 379 -16.83 -3.48 -9.32
C HIS B 379 -15.83 -4.59 -9.01
N MET B 380 -15.57 -4.79 -7.72
CA MET B 380 -14.65 -5.83 -7.25
C MET B 380 -15.44 -6.88 -6.48
N VAL B 381 -15.21 -8.15 -6.79
CA VAL B 381 -15.82 -9.25 -6.07
C VAL B 381 -14.69 -10.15 -5.56
N LEU B 382 -14.55 -10.24 -4.23
CA LEU B 382 -13.51 -11.04 -3.59
C LEU B 382 -14.15 -12.33 -3.07
N GLN B 383 -14.20 -13.34 -3.92
CA GLN B 383 -14.72 -14.65 -3.55
C GLN B 383 -13.68 -15.42 -2.75
N VAL B 384 -14.00 -15.74 -1.51
CA VAL B 384 -13.06 -16.46 -0.64
C VAL B 384 -13.53 -17.90 -0.46
#